data_3MJG
#
_entry.id   3MJG
#
_cell.length_a   78.470
_cell.length_b   116.820
_cell.length_c   134.150
_cell.angle_alpha   90.00
_cell.angle_beta   90.00
_cell.angle_gamma   90.00
#
_symmetry.space_group_name_H-M   'P 21 21 21'
#
loop_
_entity.id
_entity.type
_entity.pdbx_description
1 polymer 'Platelet-derived growth factor subunit B'
2 polymer 'Beta-type platelet-derived growth factor receptor'
3 non-polymer 2-acetamido-2-deoxy-alpha-D-glucopyranose
4 non-polymer 2-acetamido-2-deoxy-beta-D-glucopyranose
5 water water
#
loop_
_entity_poly.entity_id
_entity_poly.type
_entity_poly.pdbx_seq_one_letter_code
_entity_poly.pdbx_strand_id
1 'polypeptide(L)'
;EGDPIPEELYEMLSDHSIRSFDDLQRLLHGDPGEEDGAELDLNMTRSHSGGELESLARGRRSLGSLTIAEPAMIAECKTR
TEVFEISRRLIDRTNANFLVWPPCVEVQRCSGCCNNRNVQCRPTQVQLRPVQVRKIEIVRKKPIFKKATVTLEDHLACKC
ETVAAHHHHHHH
;
A,B
2 'polypeptide(L)'
;LVVTPPGPELVLNVSSTFVLTCSGSAPVVWERMSQEPPQEMAKAQDGTFSSVLTLTNLTGLDTGEYFCTHNDSRGLETDE
RKRLYIFVPDPTVGFLPNDAEELFIFLTEITEITIPCRVTDPQLVVTLHEKKGDVALPVPYDHQRGFSGIFEDRSYICKT
TIGDREVDSDAYYVYRLQVSSINVSVNAVQTVVRQGENITLMCIVIGNEVVNFEWTYPRKESGRLVEPVTDFLLDMPYHI
RSILHIPSAELEDSGTYTCNVTESVNDHQDEKAINITVVESGHHHHHHH
;
X,Y
#
loop_
_chem_comp.id
_chem_comp.type
_chem_comp.name
_chem_comp.formula
NAG D-saccharide, beta linking 2-acetamido-2-deoxy-beta-D-glucopyranose 'C8 H15 N O6'
NDG D-saccharide, alpha linking 2-acetamido-2-deoxy-alpha-D-glucopyranose 'C8 H15 N O6'
#
# COMPACT_ATOMS: atom_id res chain seq x y z
N THR A 67 25.44 -11.95 -4.21
CA THR A 67 23.99 -12.05 -3.82
C THR A 67 23.48 -13.50 -3.78
N ILE A 68 22.86 -13.86 -2.66
CA ILE A 68 22.29 -15.20 -2.48
C ILE A 68 20.77 -15.03 -2.46
N ALA A 69 20.06 -15.92 -3.15
CA ALA A 69 18.61 -15.83 -3.15
C ALA A 69 18.11 -16.33 -1.81
N GLU A 70 17.80 -15.41 -0.91
CA GLU A 70 17.29 -15.83 0.39
C GLU A 70 15.90 -16.39 0.25
N PRO A 71 15.44 -17.10 1.28
CA PRO A 71 14.09 -17.66 1.21
C PRO A 71 13.14 -16.47 1.26
N ALA A 72 12.06 -16.51 0.49
CA ALA A 72 11.06 -15.45 0.52
C ALA A 72 10.29 -15.52 1.85
N MET A 73 9.99 -14.37 2.43
CA MET A 73 9.25 -14.28 3.68
C MET A 73 7.88 -13.71 3.40
N ILE A 74 6.84 -14.39 3.90
CA ILE A 74 5.50 -13.90 3.68
C ILE A 74 5.36 -12.48 4.24
N ALA A 75 4.58 -11.67 3.55
CA ALA A 75 4.30 -10.32 4.03
C ALA A 75 3.12 -10.55 4.99
N GLU A 76 3.40 -10.44 6.29
CA GLU A 76 2.39 -10.67 7.32
C GLU A 76 1.19 -9.73 7.24
N CYS A 77 0.03 -10.20 7.71
CA CYS A 77 -1.15 -9.34 7.75
C CYS A 77 -0.90 -8.37 8.91
N LYS A 78 -0.74 -7.09 8.61
CA LYS A 78 -0.50 -6.07 9.65
C LYS A 78 -0.69 -4.70 9.02
N THR A 79 -0.57 -3.65 9.83
CA THR A 79 -0.73 -2.32 9.24
C THR A 79 0.56 -1.84 8.64
N ARG A 80 0.45 -1.15 7.51
CA ARG A 80 1.61 -0.60 6.84
C ARG A 80 1.18 0.74 6.30
N THR A 81 2.14 1.65 6.16
CA THR A 81 1.88 2.99 5.65
C THR A 81 1.65 3.01 4.16
N GLU A 82 0.53 3.60 3.73
CA GLU A 82 0.14 3.73 2.34
C GLU A 82 -0.16 5.21 2.06
N VAL A 83 -0.46 5.49 0.80
CA VAL A 83 -0.76 6.83 0.36
C VAL A 83 -2.19 6.93 -0.02
N PHE A 84 -2.87 7.93 0.56
CA PHE A 84 -4.26 8.20 0.30
C PHE A 84 -4.36 9.52 -0.46
N GLU A 85 -5.10 9.47 -1.56
CA GLU A 85 -5.30 10.59 -2.45
C GLU A 85 -6.50 11.40 -1.97
N ILE A 86 -6.27 12.69 -1.72
CA ILE A 86 -7.36 13.57 -1.32
C ILE A 86 -7.89 14.11 -2.63
N SER A 87 -8.88 13.43 -3.20
CA SER A 87 -9.42 13.89 -4.47
C SER A 87 -10.38 15.07 -4.29
N ARG A 88 -10.55 15.84 -5.36
CA ARG A 88 -11.45 16.97 -5.30
C ARG A 88 -12.88 16.44 -5.06
N ARG A 89 -13.14 15.26 -5.59
CA ARG A 89 -14.44 14.62 -5.44
C ARG A 89 -14.90 14.61 -3.99
N LEU A 90 -13.99 14.36 -3.05
CA LEU A 90 -14.40 14.34 -1.65
C LEU A 90 -14.54 15.72 -1.02
N ILE A 91 -14.22 16.76 -1.77
CA ILE A 91 -14.35 18.10 -1.22
C ILE A 91 -15.55 18.86 -1.82
N ASP A 92 -15.78 18.68 -3.12
CA ASP A 92 -16.90 19.33 -3.79
C ASP A 92 -17.03 18.66 -5.16
N ARG A 93 -18.10 17.90 -5.31
CA ARG A 93 -18.37 17.13 -6.52
C ARG A 93 -19.28 17.90 -7.49
N THR A 94 -19.68 19.12 -7.11
CA THR A 94 -20.53 19.93 -7.97
C THR A 94 -19.82 20.69 -9.10
N ASN A 95 -18.62 21.21 -8.86
CA ASN A 95 -17.88 21.94 -9.89
C ASN A 95 -16.39 21.61 -9.84
N ALA A 96 -15.60 22.27 -10.69
CA ALA A 96 -14.15 22.02 -10.72
C ALA A 96 -13.31 23.30 -10.60
N ASN A 97 -13.87 24.32 -10.00
CA ASN A 97 -13.20 25.61 -9.88
C ASN A 97 -12.29 25.68 -8.65
N PHE A 98 -11.47 24.67 -8.44
CA PHE A 98 -10.57 24.71 -7.28
C PHE A 98 -9.58 23.57 -7.25
N LEU A 99 -8.71 23.65 -6.26
CA LEU A 99 -7.69 22.67 -6.06
C LEU A 99 -7.72 22.37 -4.56
N VAL A 100 -7.06 21.28 -4.18
CA VAL A 100 -6.99 20.91 -2.81
C VAL A 100 -5.53 20.68 -2.53
N TRP A 101 -5.08 21.10 -1.37
CA TRP A 101 -3.70 20.90 -1.03
C TRP A 101 -3.74 20.40 0.40
N PRO A 102 -2.92 19.39 0.74
CA PRO A 102 -1.95 18.66 -0.10
C PRO A 102 -2.76 17.70 -0.94
N PRO A 103 -2.18 17.18 -2.04
CA PRO A 103 -2.95 16.25 -2.88
C PRO A 103 -3.03 14.83 -2.34
N CYS A 104 -2.15 14.48 -1.43
CA CYS A 104 -2.17 13.15 -0.84
C CYS A 104 -1.60 13.20 0.56
N VAL A 105 -1.92 12.18 1.35
CA VAL A 105 -1.43 12.07 2.71
C VAL A 105 -1.23 10.59 2.97
N GLU A 106 -0.47 10.30 4.01
CA GLU A 106 -0.23 8.96 4.45
C GLU A 106 -1.36 8.44 5.37
N VAL A 107 -1.57 7.13 5.36
CA VAL A 107 -2.55 6.49 6.22
C VAL A 107 -2.01 5.10 6.58
N GLN A 108 -2.51 4.51 7.67
CA GLN A 108 -2.11 3.17 8.08
C GLN A 108 -3.21 2.28 7.53
N ARG A 109 -2.83 1.18 6.91
CA ARG A 109 -3.82 0.26 6.35
C ARG A 109 -3.38 -1.19 6.42
N CYS A 110 -4.30 -2.08 6.74
CA CYS A 110 -3.95 -3.50 6.80
C CYS A 110 -3.57 -3.94 5.40
N SER A 111 -2.58 -4.79 5.35
CA SER A 111 -2.07 -5.30 4.07
C SER A 111 -1.31 -6.56 4.43
N GLY A 112 -0.90 -7.31 3.42
CA GLY A 112 -0.17 -8.55 3.68
C GLY A 112 -1.15 -9.62 3.25
N CYS A 113 -0.81 -10.90 3.35
CA CYS A 113 -1.76 -11.90 2.92
C CYS A 113 -2.02 -12.95 3.96
N CYS A 114 -3.00 -13.80 3.67
CA CYS A 114 -3.32 -14.87 4.58
C CYS A 114 -2.97 -16.17 3.91
N ASN A 115 -3.20 -17.27 4.63
CA ASN A 115 -2.90 -18.58 4.10
C ASN A 115 -3.69 -18.87 2.85
N ASN A 116 -4.99 -18.62 2.94
CA ASN A 116 -5.97 -18.97 1.92
C ASN A 116 -6.87 -17.88 1.44
N ARG A 117 -7.82 -18.29 0.59
CA ARG A 117 -8.85 -17.41 0.09
C ARG A 117 -10.05 -17.54 1.01
N ASN A 118 -10.03 -18.47 1.96
CA ASN A 118 -11.18 -18.53 2.85
C ASN A 118 -10.88 -17.67 4.08
N VAL A 119 -9.81 -16.90 3.96
CA VAL A 119 -9.43 -15.94 4.97
C VAL A 119 -8.99 -14.69 4.25
N GLN A 120 -9.17 -13.56 4.91
CA GLN A 120 -8.84 -12.29 4.31
C GLN A 120 -8.29 -11.35 5.41
N CYS A 121 -7.25 -10.61 5.08
CA CYS A 121 -6.63 -9.66 6.00
C CYS A 121 -7.58 -8.44 6.10
N ARG A 122 -8.15 -8.25 7.27
CA ARG A 122 -9.11 -7.17 7.49
C ARG A 122 -8.81 -6.46 8.79
N PRO A 123 -9.13 -5.17 8.85
CA PRO A 123 -8.87 -4.39 10.07
C PRO A 123 -9.68 -4.83 11.27
N THR A 124 -8.99 -4.88 12.41
CA THR A 124 -9.57 -5.27 13.67
C THR A 124 -10.01 -4.01 14.43
N GLN A 125 -9.48 -2.86 14.03
CA GLN A 125 -9.86 -1.60 14.64
C GLN A 125 -9.49 -0.43 13.75
N VAL A 126 -10.49 0.34 13.38
CA VAL A 126 -10.24 1.48 12.54
C VAL A 126 -10.57 2.77 13.30
N GLN A 127 -9.96 3.87 12.86
CA GLN A 127 -10.18 5.17 13.48
C GLN A 127 -10.40 6.20 12.38
N LEU A 128 -11.46 6.98 12.53
CA LEU A 128 -11.77 8.01 11.60
C LEU A 128 -11.37 9.27 12.32
N ARG A 129 -10.63 10.13 11.63
CA ARG A 129 -10.15 11.36 12.23
C ARG A 129 -10.25 12.48 11.21
N PRO A 130 -10.53 13.71 11.67
CA PRO A 130 -10.63 14.85 10.76
C PRO A 130 -9.25 15.48 10.56
N VAL A 131 -8.96 15.92 9.35
CA VAL A 131 -7.70 16.62 9.10
C VAL A 131 -8.08 17.80 8.24
N GLN A 132 -7.30 18.86 8.38
CA GLN A 132 -7.59 20.09 7.64
C GLN A 132 -6.77 20.19 6.33
N VAL A 133 -7.47 20.45 5.22
CA VAL A 133 -6.84 20.60 3.92
C VAL A 133 -7.19 21.98 3.41
N ARG A 134 -6.53 22.40 2.34
CA ARG A 134 -6.79 23.72 1.78
C ARG A 134 -7.50 23.62 0.46
N LYS A 135 -8.64 24.30 0.36
CA LYS A 135 -9.38 24.35 -0.88
C LYS A 135 -8.93 25.66 -1.51
N ILE A 136 -8.39 25.57 -2.71
CA ILE A 136 -7.88 26.75 -3.40
C ILE A 136 -8.72 27.10 -4.60
N GLU A 137 -9.47 28.18 -4.47
CA GLU A 137 -10.31 28.68 -5.58
C GLU A 137 -9.54 29.88 -6.14
N ILE A 138 -9.51 30.02 -7.45
CA ILE A 138 -8.78 31.12 -8.06
C ILE A 138 -9.69 32.26 -8.52
N VAL A 139 -9.14 33.47 -8.57
CA VAL A 139 -9.91 34.63 -9.00
C VAL A 139 -9.02 35.81 -9.42
N ARG A 140 -8.77 35.93 -10.72
CA ARG A 140 -7.97 37.02 -11.26
C ARG A 140 -6.51 37.00 -10.77
N LYS A 141 -5.75 36.02 -11.25
CA LYS A 141 -4.34 35.87 -10.88
C LYS A 141 -4.13 35.62 -9.39
N LYS A 142 -5.09 36.05 -8.57
CA LYS A 142 -5.00 35.85 -7.13
C LYS A 142 -5.89 34.67 -6.74
N PRO A 143 -5.40 33.79 -5.86
CA PRO A 143 -6.23 32.65 -5.49
C PRO A 143 -6.93 32.93 -4.15
N ILE A 144 -8.00 32.19 -3.89
CA ILE A 144 -8.75 32.33 -2.65
C ILE A 144 -8.53 31.08 -1.82
N PHE A 145 -7.89 31.25 -0.67
CA PHE A 145 -7.63 30.13 0.21
C PHE A 145 -8.81 29.91 1.15
N LYS A 146 -9.13 28.65 1.39
CA LYS A 146 -10.22 28.27 2.28
C LYS A 146 -9.84 26.99 2.98
N LYS A 147 -10.34 26.80 4.19
CA LYS A 147 -10.06 25.62 4.97
C LYS A 147 -11.18 24.61 4.75
N ALA A 148 -10.83 23.33 4.81
CA ALA A 148 -11.82 22.27 4.63
C ALA A 148 -11.33 21.04 5.38
N THR A 149 -12.26 20.30 5.96
CA THR A 149 -11.90 19.13 6.73
C THR A 149 -12.17 17.88 5.90
N VAL A 150 -11.27 16.92 6.02
CA VAL A 150 -11.42 15.69 5.27
C VAL A 150 -11.28 14.58 6.30
N THR A 151 -12.05 13.52 6.09
CA THR A 151 -12.03 12.39 6.99
C THR A 151 -11.04 11.34 6.54
N LEU A 152 -10.05 11.10 7.38
CA LEU A 152 -9.08 10.08 7.09
C LEU A 152 -9.36 8.84 7.93
N GLU A 153 -9.16 7.68 7.32
CA GLU A 153 -9.36 6.40 7.99
C GLU A 153 -8.01 5.73 8.16
N ASP A 154 -7.72 5.31 9.38
CA ASP A 154 -6.49 4.60 9.70
C ASP A 154 -6.89 3.23 10.26
N HIS A 155 -6.01 2.26 10.12
CA HIS A 155 -6.27 0.96 10.72
C HIS A 155 -5.27 0.89 11.82
N LEU A 156 -5.68 0.42 12.99
CA LEU A 156 -4.75 0.32 14.10
C LEU A 156 -4.26 -1.12 14.28
N ALA A 157 -5.03 -2.10 13.80
CA ALA A 157 -4.63 -3.50 13.93
C ALA A 157 -5.45 -4.37 12.95
N CYS A 158 -4.99 -5.59 12.71
CA CYS A 158 -5.62 -6.46 11.73
C CYS A 158 -5.51 -7.89 12.15
N LYS A 159 -6.15 -8.74 11.36
CA LYS A 159 -6.09 -10.16 11.56
C LYS A 159 -6.61 -10.84 10.30
N CYS A 160 -6.18 -12.06 10.07
CA CYS A 160 -6.71 -12.78 8.93
C CYS A 160 -8.04 -13.23 9.51
N GLU A 161 -9.10 -12.85 8.82
CA GLU A 161 -10.45 -13.14 9.27
C GLU A 161 -11.04 -14.20 8.38
N THR A 162 -11.68 -15.20 8.97
CA THR A 162 -12.31 -16.26 8.18
C THR A 162 -13.44 -15.54 7.46
N VAL A 163 -13.53 -15.72 6.15
CA VAL A 163 -14.54 -14.99 5.40
C VAL A 163 -15.52 -15.82 4.61
N LEU B 63 -15.87 10.20 26.14
CA LEU B 63 -14.63 11.01 26.27
C LEU B 63 -14.53 12.08 25.17
N GLY B 64 -13.62 13.03 25.38
CA GLY B 64 -13.45 14.10 24.43
C GLY B 64 -12.29 14.97 24.84
N SER B 65 -11.93 15.90 23.98
CA SER B 65 -10.84 16.80 24.28
C SER B 65 -10.95 18.08 23.48
N LEU B 66 -10.20 19.09 23.89
CA LEU B 66 -10.21 20.35 23.19
C LEU B 66 -9.65 20.06 21.82
N THR B 67 -10.38 20.49 20.81
CA THR B 67 -9.99 20.28 19.44
C THR B 67 -8.62 20.91 19.15
N ILE B 68 -7.76 20.18 18.46
CA ILE B 68 -6.46 20.67 18.06
C ILE B 68 -6.50 20.39 16.56
N ALA B 69 -6.64 21.43 15.75
CA ALA B 69 -6.67 21.22 14.30
C ALA B 69 -5.42 20.48 13.83
N GLU B 70 -5.63 19.51 12.95
CA GLU B 70 -4.53 18.74 12.40
C GLU B 70 -4.39 19.07 10.93
N PRO B 71 -3.38 19.85 10.58
CA PRO B 71 -3.25 20.15 9.15
C PRO B 71 -2.74 18.91 8.44
N ALA B 72 -3.39 18.57 7.34
CA ALA B 72 -2.99 17.39 6.58
C ALA B 72 -1.54 17.60 6.09
N MET B 73 -0.74 16.54 6.10
CA MET B 73 0.66 16.61 5.66
C MET B 73 0.80 15.80 4.38
N ILE B 74 1.48 16.39 3.41
CA ILE B 74 1.67 15.73 2.15
C ILE B 74 2.49 14.44 2.29
N ALA B 75 2.05 13.40 1.59
CA ALA B 75 2.80 12.14 1.62
C ALA B 75 4.04 12.40 0.73
N GLU B 76 5.23 12.39 1.33
CA GLU B 76 6.46 12.66 0.56
C GLU B 76 6.84 11.55 -0.42
N CYS B 77 7.35 11.95 -1.58
CA CYS B 77 7.82 10.99 -2.57
C CYS B 77 8.99 10.28 -1.89
N LYS B 78 8.80 9.01 -1.54
CA LYS B 78 9.87 8.25 -0.93
C LYS B 78 9.49 6.77 -1.02
N THR B 79 10.33 5.89 -0.50
CA THR B 79 10.00 4.48 -0.57
C THR B 79 9.24 4.01 0.66
N ARG B 80 8.26 3.13 0.43
CA ARG B 80 7.45 2.55 1.50
C ARG B 80 7.38 1.06 1.21
N THR B 81 6.98 0.25 2.18
CA THR B 81 6.90 -1.17 1.94
C THR B 81 5.54 -1.52 1.34
N GLU B 82 5.55 -2.12 0.16
CA GLU B 82 4.29 -2.53 -0.50
C GLU B 82 4.28 -4.06 -0.48
N VAL B 83 3.22 -4.67 -1.00
CA VAL B 83 3.11 -6.11 -0.97
C VAL B 83 2.92 -6.70 -2.33
N PHE B 84 3.76 -7.66 -2.68
CA PHE B 84 3.66 -8.32 -3.96
C PHE B 84 3.06 -9.72 -3.81
N GLU B 85 1.98 -9.96 -4.52
CA GLU B 85 1.35 -11.27 -4.50
C GLU B 85 2.13 -12.11 -5.50
N ILE B 86 2.56 -13.30 -5.10
CA ILE B 86 3.30 -14.19 -5.98
C ILE B 86 2.26 -15.19 -6.49
N SER B 87 1.76 -14.99 -7.69
CA SER B 87 0.75 -15.90 -8.21
C SER B 87 1.32 -17.17 -8.85
N ARG B 88 0.47 -18.19 -8.89
CA ARG B 88 0.79 -19.49 -9.47
C ARG B 88 1.10 -19.27 -10.95
N ARG B 89 0.33 -18.38 -11.56
CA ARG B 89 0.54 -18.05 -12.96
C ARG B 89 1.95 -17.54 -13.14
N LEU B 90 2.44 -16.81 -12.14
CA LEU B 90 3.78 -16.26 -12.21
C LEU B 90 4.78 -17.38 -12.22
N ILE B 91 4.66 -18.31 -11.26
CA ILE B 91 5.60 -19.40 -11.17
C ILE B 91 5.53 -20.40 -12.32
N ASP B 92 4.34 -20.74 -12.79
CA ASP B 92 4.21 -21.71 -13.86
C ASP B 92 2.80 -21.69 -14.43
N ARG B 93 2.61 -20.99 -15.53
CA ARG B 93 1.30 -20.88 -16.13
C ARG B 93 0.91 -22.09 -16.98
N THR B 94 1.72 -23.14 -17.00
CA THR B 94 1.39 -24.30 -17.83
C THR B 94 0.44 -25.26 -17.17
N ASN B 95 0.32 -25.17 -15.85
CA ASN B 95 -0.58 -26.06 -15.13
C ASN B 95 -1.09 -25.40 -13.85
N ALA B 96 -1.89 -26.15 -13.10
CA ALA B 96 -2.49 -25.66 -11.87
C ALA B 96 -2.51 -26.76 -10.81
N ASN B 97 -1.45 -27.56 -10.77
CA ASN B 97 -1.38 -28.64 -9.81
C ASN B 97 -0.46 -28.35 -8.65
N PHE B 98 -0.24 -27.07 -8.36
CA PHE B 98 0.63 -26.68 -7.26
C PHE B 98 0.17 -25.42 -6.53
N LEU B 99 0.77 -25.19 -5.38
CA LEU B 99 0.48 -24.04 -4.58
C LEU B 99 1.80 -23.28 -4.55
N VAL B 100 1.75 -22.00 -4.19
CA VAL B 100 2.94 -21.16 -4.12
C VAL B 100 3.15 -20.65 -2.72
N TRP B 101 4.35 -20.80 -2.18
CA TRP B 101 4.58 -20.34 -0.83
C TRP B 101 5.85 -19.50 -0.72
N PRO B 102 5.76 -18.32 -0.12
CA PRO B 102 4.55 -17.72 0.45
C PRO B 102 3.75 -17.06 -0.65
N PRO B 103 2.48 -16.72 -0.38
CA PRO B 103 1.55 -16.07 -1.32
C PRO B 103 1.93 -14.63 -1.64
N CYS B 104 2.66 -13.99 -0.73
CA CYS B 104 3.00 -12.57 -0.91
C CYS B 104 4.28 -12.24 -0.20
N VAL B 105 4.90 -11.14 -0.61
CA VAL B 105 6.14 -10.71 0.00
C VAL B 105 6.19 -9.21 -0.02
N GLU B 106 7.02 -8.65 0.83
CA GLU B 106 7.25 -7.21 0.94
C GLU B 106 8.25 -6.73 -0.10
N VAL B 107 7.97 -5.61 -0.76
CA VAL B 107 8.91 -5.04 -1.71
C VAL B 107 8.96 -3.53 -1.43
N GLN B 108 10.15 -2.94 -1.44
CA GLN B 108 10.23 -1.49 -1.22
C GLN B 108 9.88 -0.80 -2.52
N ARG B 109 8.98 0.16 -2.46
CA ARG B 109 8.54 0.89 -3.64
C ARG B 109 8.43 2.40 -3.42
N CYS B 110 8.56 3.17 -4.50
CA CYS B 110 8.44 4.61 -4.40
C CYS B 110 6.99 4.99 -4.44
N SER B 111 6.60 5.90 -3.57
CA SER B 111 5.22 6.35 -3.55
C SER B 111 5.11 7.75 -2.98
N GLY B 112 3.92 8.31 -3.06
CA GLY B 112 3.74 9.65 -2.55
C GLY B 112 3.47 10.57 -3.71
N CYS B 113 3.07 11.79 -3.41
CA CYS B 113 2.76 12.68 -4.49
C CYS B 113 3.75 13.80 -4.56
N CYS B 114 3.87 14.33 -5.75
CA CYS B 114 4.76 15.45 -5.95
C CYS B 114 3.75 16.57 -5.87
N ASN B 115 4.20 17.75 -5.48
CA ASN B 115 3.23 18.80 -5.31
C ASN B 115 2.38 19.10 -6.55
N ASN B 116 2.72 18.50 -7.68
CA ASN B 116 2.00 18.78 -8.91
C ASN B 116 1.81 17.61 -9.88
N ARG B 117 0.70 17.64 -10.63
CA ARG B 117 0.40 16.58 -11.59
C ARG B 117 1.41 16.38 -12.71
N ASN B 118 2.13 17.42 -13.11
CA ASN B 118 3.12 17.20 -14.15
C ASN B 118 4.50 16.98 -13.56
N VAL B 119 4.51 16.54 -12.30
CA VAL B 119 5.75 16.19 -11.62
C VAL B 119 5.48 14.79 -11.08
N GLN B 120 6.38 13.85 -11.30
CA GLN B 120 6.11 12.51 -10.83
C GLN B 120 7.16 11.98 -9.92
N CYS B 121 6.72 11.11 -9.01
CA CYS B 121 7.61 10.48 -8.06
C CYS B 121 8.17 9.30 -8.84
N ARG B 122 9.48 9.19 -8.91
CA ARG B 122 10.07 8.08 -9.64
C ARG B 122 11.32 7.57 -9.01
N PRO B 123 11.53 6.26 -9.11
CA PRO B 123 12.69 5.58 -8.55
C PRO B 123 13.96 6.05 -9.24
N THR B 124 15.03 6.18 -8.48
CA THR B 124 16.31 6.60 -9.03
C THR B 124 17.33 5.48 -8.83
N GLN B 125 17.03 4.58 -7.90
CA GLN B 125 17.86 3.40 -7.63
C GLN B 125 16.93 2.19 -7.59
N VAL B 126 17.15 1.22 -8.48
CA VAL B 126 16.32 0.02 -8.49
C VAL B 126 17.22 -1.18 -8.29
N GLN B 127 16.72 -2.15 -7.57
CA GLN B 127 17.47 -3.33 -7.26
C GLN B 127 16.62 -4.55 -7.61
N LEU B 128 17.21 -5.52 -8.30
CA LEU B 128 16.49 -6.73 -8.66
C LEU B 128 16.97 -7.69 -7.62
N ARG B 129 16.06 -8.11 -6.76
CA ARG B 129 16.39 -9.02 -5.68
C ARG B 129 15.69 -10.38 -5.84
N PRO B 130 16.46 -11.44 -6.08
CA PRO B 130 15.77 -12.73 -6.21
C PRO B 130 15.54 -13.41 -4.86
N VAL B 131 14.44 -14.13 -4.73
CA VAL B 131 14.15 -14.83 -3.49
C VAL B 131 13.59 -16.19 -3.89
N GLN B 132 13.72 -17.19 -3.04
CA GLN B 132 13.19 -18.47 -3.45
C GLN B 132 11.89 -18.78 -2.75
N VAL B 133 10.95 -19.25 -3.56
CA VAL B 133 9.63 -19.63 -3.08
C VAL B 133 9.51 -21.14 -3.29
N ARG B 134 8.34 -21.70 -3.05
CA ARG B 134 8.15 -23.12 -3.25
C ARG B 134 6.94 -23.47 -4.07
N LYS B 135 7.09 -24.45 -4.95
CA LYS B 135 5.95 -24.94 -5.69
C LYS B 135 5.60 -26.11 -4.79
N ILE B 136 4.37 -26.17 -4.29
CA ILE B 136 3.97 -27.27 -3.42
C ILE B 136 2.95 -28.08 -4.21
N GLU B 137 3.26 -29.30 -4.60
CA GLU B 137 2.25 -30.10 -5.31
C GLU B 137 1.52 -30.87 -4.22
N ILE B 138 0.26 -31.21 -4.42
CA ILE B 138 -0.42 -31.98 -3.38
C ILE B 138 -0.78 -33.34 -3.92
N VAL B 139 -0.32 -34.38 -3.23
CA VAL B 139 -0.61 -35.76 -3.61
C VAL B 139 -1.26 -36.47 -2.42
N ARG B 140 -2.45 -37.02 -2.68
CA ARG B 140 -3.21 -37.71 -1.65
C ARG B 140 -3.12 -36.92 -0.34
N LYS B 141 -3.07 -35.60 -0.47
CA LYS B 141 -2.98 -34.69 0.68
C LYS B 141 -1.59 -34.66 1.32
N LYS B 142 -0.59 -35.11 0.57
CA LYS B 142 0.80 -35.09 1.02
C LYS B 142 1.55 -34.08 0.15
N PRO B 143 2.29 -33.15 0.77
CA PRO B 143 3.01 -32.15 -0.02
C PRO B 143 4.37 -32.56 -0.58
N ILE B 144 4.63 -32.14 -1.82
CA ILE B 144 5.90 -32.38 -2.48
C ILE B 144 6.49 -30.99 -2.68
N PHE B 145 7.60 -30.69 -2.02
CA PHE B 145 8.19 -29.37 -2.14
C PHE B 145 9.27 -29.14 -3.19
N LYS B 146 8.94 -28.34 -4.19
CA LYS B 146 9.91 -27.99 -5.23
C LYS B 146 10.23 -26.50 -5.06
N LYS B 147 11.41 -26.08 -5.49
CA LYS B 147 11.82 -24.69 -5.37
C LYS B 147 11.70 -23.90 -6.66
N ALA B 148 11.46 -22.61 -6.52
CA ALA B 148 11.41 -21.66 -7.63
C ALA B 148 12.02 -20.34 -7.17
N THR B 149 12.45 -19.54 -8.13
CA THR B 149 13.06 -18.27 -7.81
C THR B 149 12.26 -17.16 -8.47
N VAL B 150 11.99 -16.10 -7.72
CA VAL B 150 11.24 -14.97 -8.24
C VAL B 150 12.11 -13.77 -7.92
N THR B 151 12.28 -12.83 -8.86
CA THR B 151 13.10 -11.67 -8.49
C THR B 151 12.24 -10.46 -8.18
N LEU B 152 12.54 -9.80 -7.09
CA LEU B 152 11.71 -8.68 -6.72
C LEU B 152 12.37 -7.39 -7.15
N GLU B 153 11.56 -6.42 -7.52
CA GLU B 153 12.05 -5.13 -7.98
C GLU B 153 11.94 -4.11 -6.85
N ASP B 154 12.96 -4.00 -6.00
CA ASP B 154 12.95 -3.01 -4.92
C ASP B 154 13.37 -1.62 -5.43
N HIS B 155 12.82 -0.58 -4.82
CA HIS B 155 13.24 0.77 -5.19
C HIS B 155 13.98 1.18 -3.93
N LEU B 156 15.19 1.73 -4.07
CA LEU B 156 15.95 2.13 -2.90
C LEU B 156 15.94 3.64 -2.71
N ALA B 157 15.47 4.37 -3.71
CA ALA B 157 15.44 5.83 -3.61
C ALA B 157 14.59 6.43 -4.70
N CYS B 158 14.06 7.62 -4.47
CA CYS B 158 13.18 8.30 -5.43
C CYS B 158 13.41 9.78 -5.47
N LYS B 159 12.76 10.41 -6.44
CA LYS B 159 12.81 11.82 -6.53
C LYS B 159 11.66 12.25 -7.42
N CYS B 160 11.22 13.49 -7.21
CA CYS B 160 10.14 14.07 -7.99
C CYS B 160 10.79 14.50 -9.28
N GLU B 161 10.13 14.21 -10.40
CA GLU B 161 10.71 14.50 -11.70
C GLU B 161 9.67 15.22 -12.55
N THR B 162 10.06 16.37 -13.09
CA THR B 162 9.17 17.17 -13.93
C THR B 162 8.84 16.37 -15.19
N VAL B 163 7.62 16.49 -15.66
CA VAL B 163 7.20 15.72 -16.84
C VAL B 163 6.59 16.55 -17.97
N LEU C 1 1.29 -60.53 22.66
CA LEU C 1 2.46 -61.38 22.35
C LEU C 1 3.77 -60.62 22.43
N VAL C 2 3.73 -59.32 22.13
CA VAL C 2 4.95 -58.49 22.19
C VAL C 2 5.05 -57.83 23.56
N VAL C 3 6.26 -57.83 24.13
CA VAL C 3 6.48 -57.25 25.46
C VAL C 3 7.82 -56.53 25.57
N THR C 4 7.83 -55.42 26.30
CA THR C 4 9.03 -54.63 26.46
C THR C 4 9.42 -54.38 27.91
N PRO C 5 10.66 -54.71 28.28
CA PRO C 5 10.99 -54.42 29.67
C PRO C 5 11.63 -53.05 29.64
N PRO C 6 10.95 -52.04 30.19
CA PRO C 6 9.64 -52.18 30.84
C PRO C 6 8.38 -51.46 30.33
N GLY C 7 8.56 -50.30 29.69
CA GLY C 7 7.43 -49.52 29.18
C GLY C 7 6.78 -48.62 30.24
N PRO C 8 5.99 -47.59 29.86
CA PRO C 8 5.55 -47.06 28.56
C PRO C 8 6.11 -45.66 28.24
N GLU C 9 6.21 -44.81 29.26
CA GLU C 9 6.75 -43.47 29.08
C GLU C 9 7.98 -43.27 29.98
N LEU C 10 9.10 -42.92 29.37
CA LEU C 10 10.35 -42.72 30.11
C LEU C 10 10.88 -41.29 30.07
N VAL C 11 11.55 -40.89 31.16
CA VAL C 11 12.16 -39.56 31.26
C VAL C 11 13.57 -39.86 31.71
N LEU C 12 14.53 -39.68 30.82
CA LEU C 12 15.91 -40.01 31.11
C LEU C 12 16.87 -38.83 31.18
N ASN C 13 17.87 -38.94 32.06
CA ASN C 13 18.86 -37.88 32.24
C ASN C 13 19.84 -37.82 31.08
N VAL C 14 20.16 -36.60 30.65
CA VAL C 14 21.08 -36.44 29.54
C VAL C 14 22.35 -37.24 29.74
N SER C 15 22.97 -37.61 28.62
CA SER C 15 24.21 -38.38 28.59
C SER C 15 24.15 -39.78 29.20
N SER C 16 23.01 -40.16 29.77
CA SER C 16 22.94 -41.50 30.35
C SER C 16 22.81 -42.53 29.24
N THR C 17 22.65 -43.79 29.63
CA THR C 17 22.54 -44.89 28.68
C THR C 17 21.34 -45.72 29.11
N PHE C 18 20.62 -46.27 28.14
CA PHE C 18 19.44 -47.06 28.50
C PHE C 18 19.33 -48.25 27.59
N VAL C 19 18.76 -49.34 28.13
CA VAL C 19 18.59 -50.56 27.37
C VAL C 19 17.13 -50.95 27.36
N LEU C 20 16.59 -51.13 26.16
CA LEU C 20 15.20 -51.52 26.01
C LEU C 20 15.19 -52.92 25.42
N THR C 21 14.22 -53.72 25.83
CA THR C 21 14.14 -55.09 25.35
C THR C 21 12.77 -55.45 24.81
N CYS C 22 12.76 -56.11 23.66
CA CYS C 22 11.49 -56.52 23.12
C CYS C 22 11.55 -57.95 22.65
N SER C 23 10.48 -58.69 22.92
CA SER C 23 10.44 -60.08 22.52
C SER C 23 9.04 -60.57 22.17
N GLY C 24 9.00 -61.57 21.30
CA GLY C 24 7.74 -62.16 20.89
C GLY C 24 8.00 -63.55 20.33
N SER C 25 6.93 -64.24 19.92
CA SER C 25 7.04 -65.59 19.38
C SER C 25 7.65 -65.66 17.98
N ALA C 26 7.69 -64.51 17.30
CA ALA C 26 8.26 -64.46 15.95
C ALA C 26 9.31 -63.35 15.96
N PRO C 27 10.14 -63.28 14.91
CA PRO C 27 11.18 -62.25 14.85
C PRO C 27 10.63 -60.90 15.30
N VAL C 28 11.51 -59.98 15.68
CA VAL C 28 11.03 -58.69 16.19
C VAL C 28 12.07 -57.56 15.97
N VAL C 29 11.61 -56.31 15.86
CA VAL C 29 12.51 -55.15 15.69
C VAL C 29 12.11 -53.81 16.30
N TRP C 30 13.13 -52.97 16.48
CA TRP C 30 12.95 -51.62 17.03
C TRP C 30 13.06 -50.62 15.90
N GLU C 31 12.10 -49.71 15.81
CA GLU C 31 12.18 -48.68 14.78
C GLU C 31 11.99 -47.30 15.39
N ARG C 32 12.92 -46.41 15.04
CA ARG C 32 12.92 -45.03 15.48
C ARG C 32 13.05 -44.17 14.22
N MET C 33 12.14 -43.22 14.05
CA MET C 33 12.17 -42.34 12.87
C MET C 33 12.05 -43.13 11.58
N SER C 34 11.12 -44.08 11.57
CA SER C 34 10.88 -44.91 10.40
C SER C 34 11.99 -45.88 10.00
N GLN C 35 13.18 -45.71 10.57
CA GLN C 35 14.29 -46.61 10.24
C GLN C 35 14.92 -47.31 11.44
N GLU C 36 14.89 -48.63 11.43
CA GLU C 36 15.46 -49.46 12.52
C GLU C 36 16.91 -49.13 12.84
N PRO C 37 17.17 -48.66 14.08
CA PRO C 37 18.49 -48.30 14.59
C PRO C 37 19.32 -49.51 15.00
N PRO C 38 20.62 -49.28 15.32
CA PRO C 38 21.54 -50.33 15.74
C PRO C 38 20.98 -51.20 16.85
N GLN C 39 20.57 -52.42 16.51
CA GLN C 39 20.01 -53.34 17.50
C GLN C 39 20.90 -54.58 17.58
N GLU C 40 20.56 -55.48 18.49
CA GLU C 40 21.27 -56.74 18.63
C GLU C 40 20.15 -57.75 18.77
N MET C 41 19.85 -58.45 17.69
CA MET C 41 18.78 -59.42 17.69
C MET C 41 19.28 -60.82 18.04
N ALA C 42 18.35 -61.67 18.48
CA ALA C 42 18.70 -63.04 18.86
C ALA C 42 17.44 -63.87 19.07
N LYS C 43 17.63 -65.17 19.19
CA LYS C 43 16.52 -66.08 19.40
C LYS C 43 16.76 -66.92 20.65
N ALA C 44 15.67 -67.39 21.25
CA ALA C 44 15.76 -68.20 22.46
C ALA C 44 15.41 -69.65 22.14
N GLN C 45 16.05 -70.59 22.83
CA GLN C 45 15.78 -71.99 22.58
C GLN C 45 14.29 -72.33 22.75
N ASP C 46 13.58 -71.59 23.60
CA ASP C 46 12.16 -71.88 23.83
C ASP C 46 11.26 -71.37 22.69
N GLY C 47 11.88 -70.81 21.66
CA GLY C 47 11.13 -70.30 20.53
C GLY C 47 10.79 -68.83 20.64
N THR C 48 11.56 -68.12 21.46
CA THR C 48 11.35 -66.68 21.69
C THR C 48 12.35 -65.82 20.90
N PHE C 49 11.88 -64.67 20.44
CA PHE C 49 12.70 -63.76 19.66
C PHE C 49 12.81 -62.46 20.42
N SER C 50 13.97 -61.81 20.32
CA SER C 50 14.20 -60.58 21.04
C SER C 50 15.11 -59.59 20.33
N SER C 51 15.00 -58.33 20.71
CA SER C 51 15.84 -57.27 20.17
C SER C 51 16.15 -56.26 21.27
N VAL C 52 17.41 -55.86 21.37
CA VAL C 52 17.79 -54.90 22.38
C VAL C 52 18.55 -53.73 21.80
N LEU C 53 18.04 -52.52 21.99
CA LEU C 53 18.79 -51.37 21.49
C LEU C 53 19.44 -50.67 22.66
N THR C 54 20.66 -50.20 22.45
CA THR C 54 21.42 -49.53 23.49
C THR C 54 21.48 -48.05 23.23
N LEU C 55 20.63 -47.30 23.91
CA LEU C 55 20.65 -45.85 23.77
C LEU C 55 21.90 -45.38 24.52
N THR C 56 22.82 -44.75 23.82
CA THR C 56 24.06 -44.27 24.44
C THR C 56 24.16 -42.75 24.40
N ASN C 57 24.80 -42.18 25.43
CA ASN C 57 24.97 -40.72 25.50
C ASN C 57 23.68 -40.00 25.09
N LEU C 58 22.60 -40.21 25.84
CA LEU C 58 21.32 -39.59 25.50
C LEU C 58 21.39 -38.09 25.37
N THR C 59 20.70 -37.59 24.35
CA THR C 59 20.64 -36.16 24.07
C THR C 59 19.17 -35.83 23.76
N GLY C 60 18.78 -34.58 24.00
CA GLY C 60 17.40 -34.15 23.77
C GLY C 60 16.76 -34.66 22.49
N LEU C 61 17.52 -34.66 21.41
CA LEU C 61 17.03 -35.12 20.12
C LEU C 61 16.62 -36.60 20.12
N ASP C 62 16.94 -37.32 21.20
CA ASP C 62 16.57 -38.74 21.28
C ASP C 62 15.16 -38.86 21.85
N THR C 63 14.55 -37.70 22.13
CA THR C 63 13.19 -37.63 22.64
C THR C 63 12.28 -38.11 21.51
N GLY C 64 11.22 -38.82 21.86
CA GLY C 64 10.31 -39.28 20.82
C GLY C 64 9.82 -40.70 20.96
N GLU C 65 9.12 -41.15 19.92
CA GLU C 65 8.56 -42.50 19.88
C GLU C 65 9.59 -43.56 19.52
N TYR C 66 9.41 -44.75 20.07
CA TYR C 66 10.28 -45.88 19.77
C TYR C 66 9.30 -47.03 19.72
N PHE C 67 9.26 -47.77 18.61
CA PHE C 67 8.31 -48.89 18.49
C PHE C 67 9.00 -50.22 18.39
N CYS C 68 8.28 -51.25 18.80
CA CYS C 68 8.77 -52.62 18.68
C CYS C 68 7.80 -53.36 17.75
N THR C 69 8.32 -53.83 16.62
CA THR C 69 7.50 -54.52 15.64
C THR C 69 8.04 -55.89 15.24
N HIS C 70 7.22 -56.61 14.47
CA HIS C 70 7.50 -57.96 14.01
C HIS C 70 8.33 -58.29 12.75
N ASN C 71 9.24 -57.45 12.27
CA ASN C 71 9.90 -57.86 11.03
C ASN C 71 11.34 -58.37 10.95
N ASP C 72 11.63 -59.00 9.82
CA ASP C 72 12.92 -59.62 9.50
C ASP C 72 14.14 -58.87 10.03
N ASP C 79 -0.25 -54.43 12.08
CA ASP C 79 -0.36 -53.09 12.64
C ASP C 79 -0.29 -53.10 14.18
N GLU C 80 -0.19 -54.28 14.77
CA GLU C 80 -0.11 -54.41 16.22
C GLU C 80 1.36 -54.35 16.65
N ARG C 81 1.73 -53.27 17.32
CA ARG C 81 3.09 -53.03 17.76
C ARG C 81 3.09 -52.51 19.20
N LYS C 82 4.25 -52.11 19.70
CA LYS C 82 4.38 -51.56 21.05
C LYS C 82 5.14 -50.25 20.96
N ARG C 83 4.52 -49.18 21.47
CA ARG C 83 5.17 -47.88 21.42
C ARG C 83 5.61 -47.45 22.79
N LEU C 84 6.78 -46.82 22.82
CA LEU C 84 7.34 -46.28 24.04
C LEU C 84 7.65 -44.81 23.76
N TYR C 85 7.40 -43.92 24.72
CA TYR C 85 7.77 -42.52 24.50
C TYR C 85 8.90 -42.21 25.46
N ILE C 86 10.00 -41.75 24.90
CA ILE C 86 11.15 -41.42 25.70
C ILE C 86 11.32 -39.91 25.71
N PHE C 87 11.48 -39.36 26.92
CA PHE C 87 11.68 -37.93 27.14
C PHE C 87 13.11 -37.76 27.65
N VAL C 88 13.91 -36.98 26.97
CA VAL C 88 15.27 -36.73 27.44
C VAL C 88 15.40 -35.25 27.70
N PRO C 89 14.92 -34.77 28.87
CA PRO C 89 15.02 -33.34 29.18
C PRO C 89 16.40 -32.84 28.81
N ASP C 90 16.46 -31.75 28.06
CA ASP C 90 17.74 -31.21 27.64
C ASP C 90 17.63 -29.71 27.37
N PRO C 91 18.22 -28.89 28.25
CA PRO C 91 18.21 -27.44 28.14
C PRO C 91 18.79 -26.88 26.84
N THR C 92 19.75 -27.57 26.26
CA THR C 92 20.34 -27.09 25.03
C THR C 92 19.36 -27.19 23.85
N VAL C 93 18.19 -27.75 24.14
CA VAL C 93 17.18 -27.95 23.10
C VAL C 93 15.85 -27.26 23.41
N GLY C 94 15.31 -26.60 22.40
CA GLY C 94 14.04 -25.92 22.57
C GLY C 94 12.95 -26.86 22.16
N PHE C 95 12.26 -26.52 21.07
CA PHE C 95 11.20 -27.36 20.53
C PHE C 95 11.87 -28.37 19.61
N LEU C 96 11.37 -29.60 19.58
CA LEU C 96 11.97 -30.58 18.69
C LEU C 96 11.84 -30.12 17.25
N PRO C 97 12.95 -30.14 16.52
CA PRO C 97 12.91 -29.70 15.12
C PRO C 97 12.10 -30.63 14.23
N ASN C 98 11.26 -30.09 13.35
CA ASN C 98 10.54 -30.97 12.43
C ASN C 98 10.60 -30.52 10.98
N ASP C 99 10.32 -31.46 10.08
CA ASP C 99 10.39 -31.24 8.63
C ASP C 99 9.40 -30.25 8.08
N ALA C 100 9.79 -29.60 7.00
CA ALA C 100 8.94 -28.61 6.33
C ALA C 100 7.57 -29.18 6.06
N GLU C 101 7.49 -30.48 5.82
CA GLU C 101 6.21 -31.11 5.57
C GLU C 101 5.30 -31.05 6.80
N GLU C 102 5.86 -31.12 8.01
CA GLU C 102 5.02 -31.05 9.20
C GLU C 102 4.51 -29.61 9.48
N LEU C 103 5.20 -28.62 8.92
CA LEU C 103 4.83 -27.22 9.11
C LEU C 103 3.55 -26.82 8.38
N PHE C 104 3.22 -27.51 7.30
CA PHE C 104 2.01 -27.18 6.59
C PHE C 104 1.04 -28.27 6.97
N ILE C 105 -0.15 -27.88 7.39
CA ILE C 105 -1.17 -28.85 7.74
C ILE C 105 -2.31 -28.73 6.72
N PHE C 106 -2.25 -29.54 5.67
CA PHE C 106 -3.29 -29.53 4.62
C PHE C 106 -4.46 -30.45 4.98
N LEU C 107 -5.68 -29.94 4.84
CA LEU C 107 -6.88 -30.68 5.18
C LEU C 107 -7.91 -30.63 4.07
N THR C 108 -8.72 -31.66 3.98
CA THR C 108 -9.74 -31.71 2.94
C THR C 108 -11.13 -31.61 3.52
N GLU C 109 -11.21 -31.74 4.84
CA GLU C 109 -12.48 -31.66 5.54
C GLU C 109 -12.26 -30.96 6.87
N ILE C 110 -13.36 -30.63 7.54
CA ILE C 110 -13.33 -29.94 8.83
C ILE C 110 -13.17 -30.99 9.91
N THR C 111 -12.09 -30.91 10.68
CA THR C 111 -11.85 -31.89 11.73
C THR C 111 -10.94 -31.32 12.81
N GLU C 112 -10.62 -32.19 13.76
CA GLU C 112 -9.72 -31.88 14.85
C GLU C 112 -8.36 -31.76 14.17
N ILE C 113 -7.44 -31.02 14.77
CA ILE C 113 -6.13 -30.82 14.19
C ILE C 113 -5.07 -30.85 15.28
N THR C 114 -3.86 -31.28 14.95
CA THR C 114 -2.80 -31.31 15.94
C THR C 114 -1.60 -30.46 15.52
N ILE C 115 -1.24 -29.46 16.32
CA ILE C 115 -0.05 -28.66 16.03
C ILE C 115 1.01 -29.50 16.75
N PRO C 116 1.84 -30.23 15.99
CA PRO C 116 2.87 -31.09 16.60
C PRO C 116 4.11 -30.45 17.20
N CYS C 117 3.96 -29.40 17.99
CA CYS C 117 5.14 -28.81 18.61
C CYS C 117 5.45 -29.53 19.92
N ARG C 118 6.60 -30.19 19.95
CA ARG C 118 6.97 -30.95 21.12
C ARG C 118 8.30 -30.52 21.67
N VAL C 119 8.45 -30.69 22.98
CA VAL C 119 9.68 -30.34 23.68
C VAL C 119 10.31 -31.58 24.30
N THR C 120 11.49 -31.42 24.91
CA THR C 120 12.21 -32.55 25.51
C THR C 120 11.89 -32.81 26.97
N ASP C 121 11.29 -31.83 27.64
CA ASP C 121 10.96 -31.92 29.07
C ASP C 121 9.46 -31.79 29.33
N PRO C 122 8.84 -32.82 29.92
CA PRO C 122 7.41 -32.90 30.26
C PRO C 122 6.93 -31.92 31.32
N GLN C 123 7.85 -31.23 31.97
CA GLN C 123 7.44 -30.27 32.99
C GLN C 123 7.46 -28.85 32.46
N LEU C 124 7.95 -28.71 31.22
CA LEU C 124 8.03 -27.42 30.57
C LEU C 124 6.62 -26.94 30.27
N VAL C 125 6.41 -25.63 30.41
CA VAL C 125 5.11 -25.03 30.11
C VAL C 125 5.11 -24.68 28.61
N VAL C 126 4.02 -25.01 27.93
CA VAL C 126 3.95 -24.68 26.50
C VAL C 126 2.59 -24.09 26.19
N THR C 127 2.59 -22.99 25.45
CA THR C 127 1.36 -22.32 25.05
C THR C 127 1.29 -22.21 23.55
N LEU C 128 0.08 -22.03 23.04
CA LEU C 128 -0.22 -21.92 21.62
C LEU C 128 -0.60 -20.47 21.34
N HIS C 129 -0.09 -19.91 20.24
CA HIS C 129 -0.42 -18.53 19.91
C HIS C 129 -0.58 -18.39 18.40
N GLU C 130 -1.31 -17.36 17.99
CA GLU C 130 -1.42 -17.08 16.57
C GLU C 130 -0.06 -16.44 16.37
N LYS C 131 0.63 -16.80 15.29
CA LYS C 131 1.97 -16.30 15.01
C LYS C 131 2.17 -14.96 15.72
N LYS C 132 1.53 -13.92 15.20
CA LYS C 132 1.64 -12.62 15.84
C LYS C 132 0.41 -12.53 16.71
N GLY C 133 0.60 -12.74 18.00
CA GLY C 133 -0.50 -12.68 18.93
C GLY C 133 0.08 -13.00 20.29
N ASP C 134 -0.38 -12.31 21.32
CA ASP C 134 0.17 -12.54 22.64
C ASP C 134 -0.65 -13.40 23.56
N VAL C 135 -1.94 -13.53 23.28
CA VAL C 135 -2.79 -14.33 24.15
C VAL C 135 -2.70 -15.83 23.87
N ALA C 136 -2.46 -16.61 24.92
CA ALA C 136 -2.37 -18.06 24.79
C ALA C 136 -3.75 -18.62 24.45
N LEU C 137 -3.82 -19.46 23.42
CA LEU C 137 -5.09 -20.05 23.03
C LEU C 137 -5.44 -21.18 23.98
N PRO C 138 -6.74 -21.36 24.27
CA PRO C 138 -7.25 -22.41 25.16
C PRO C 138 -7.35 -23.77 24.46
N VAL C 139 -6.19 -24.38 24.21
CA VAL C 139 -6.17 -25.67 23.53
C VAL C 139 -5.44 -26.72 24.34
N PRO C 140 -6.08 -27.88 24.55
CA PRO C 140 -5.40 -28.91 25.35
C PRO C 140 -4.06 -29.29 24.75
N TYR C 141 -3.09 -29.58 25.60
CA TYR C 141 -1.76 -29.94 25.13
C TYR C 141 -1.32 -31.31 25.64
N ASP C 142 -0.55 -32.00 24.83
CA ASP C 142 -0.04 -33.32 25.18
C ASP C 142 1.45 -33.23 24.87
N HIS C 143 2.29 -33.31 25.90
CA HIS C 143 3.72 -33.20 25.69
C HIS C 143 4.27 -34.21 24.70
N GLN C 144 3.51 -35.25 24.42
CA GLN C 144 4.01 -36.22 23.45
C GLN C 144 3.66 -35.84 22.03
N ARG C 145 2.49 -35.23 21.86
CA ARG C 145 2.02 -34.92 20.54
C ARG C 145 1.92 -33.47 20.13
N GLY C 146 1.52 -32.61 21.05
CA GLY C 146 1.37 -31.21 20.70
C GLY C 146 -0.03 -30.76 21.03
N PHE C 147 -0.45 -29.63 20.47
CA PHE C 147 -1.79 -29.13 20.73
C PHE C 147 -2.83 -29.74 19.78
N SER C 148 -4.00 -30.08 20.30
CA SER C 148 -5.06 -30.64 19.47
C SER C 148 -6.30 -29.84 19.70
N GLY C 149 -6.93 -29.40 18.62
CA GLY C 149 -8.15 -28.64 18.72
C GLY C 149 -8.67 -28.30 17.35
N ILE C 150 -9.56 -27.32 17.27
CA ILE C 150 -10.11 -26.88 16.02
C ILE C 150 -9.57 -25.45 15.78
N PHE C 151 -9.11 -25.19 14.58
CA PHE C 151 -8.49 -23.92 14.25
C PHE C 151 -9.00 -23.35 12.95
N GLU C 152 -8.65 -22.11 12.68
CA GLU C 152 -9.03 -21.52 11.43
C GLU C 152 -7.74 -21.55 10.60
N ASP C 153 -7.84 -21.17 9.34
CA ASP C 153 -6.68 -21.17 8.47
C ASP C 153 -5.67 -20.05 8.72
N ARG C 154 -4.91 -20.15 9.79
CA ARG C 154 -3.90 -19.14 10.09
C ARG C 154 -2.62 -19.86 10.43
N SER C 155 -1.63 -19.13 10.90
CA SER C 155 -0.38 -19.72 11.26
C SER C 155 -0.30 -19.67 12.77
N TYR C 156 0.30 -20.68 13.35
CA TYR C 156 0.39 -20.72 14.78
C TYR C 156 1.80 -21.03 15.20
N ILE C 157 2.19 -20.56 16.39
CA ILE C 157 3.50 -20.90 16.92
C ILE C 157 3.22 -21.38 18.33
N CYS C 158 4.15 -22.11 18.89
CA CYS C 158 3.98 -22.56 20.25
C CYS C 158 5.09 -21.84 20.98
N LYS C 159 4.90 -21.64 22.26
CA LYS C 159 5.90 -20.95 23.03
C LYS C 159 6.18 -21.68 24.33
N THR C 160 7.43 -21.63 24.76
CA THR C 160 7.82 -22.25 26.01
C THR C 160 9.01 -21.50 26.58
N THR C 161 9.20 -21.60 27.89
CA THR C 161 10.30 -20.93 28.55
C THR C 161 11.31 -21.96 28.96
N ILE C 162 12.48 -21.95 28.31
CA ILE C 162 13.52 -22.90 28.66
C ILE C 162 14.65 -22.20 29.38
N GLY C 163 14.73 -22.47 30.68
CA GLY C 163 15.74 -21.85 31.50
C GLY C 163 15.11 -20.57 32.01
N ASP C 164 15.30 -19.50 31.26
CA ASP C 164 14.74 -18.22 31.63
C ASP C 164 14.21 -17.52 30.38
N ARG C 165 14.73 -17.93 29.22
CA ARG C 165 14.31 -17.34 27.95
C ARG C 165 13.04 -17.95 27.37
N GLU C 166 12.27 -17.12 26.68
CA GLU C 166 11.06 -17.59 26.03
C GLU C 166 11.55 -18.16 24.72
N VAL C 167 11.02 -19.30 24.32
CA VAL C 167 11.42 -19.93 23.07
C VAL C 167 10.19 -20.03 22.20
N ASP C 168 10.37 -19.77 20.91
CA ASP C 168 9.28 -19.83 19.96
C ASP C 168 9.52 -20.95 18.98
N SER C 169 8.46 -21.69 18.67
CA SER C 169 8.57 -22.77 17.72
C SER C 169 8.50 -22.17 16.33
N ASP C 170 8.68 -23.02 15.32
CA ASP C 170 8.54 -22.55 13.97
C ASP C 170 7.02 -22.37 13.84
N ALA C 171 6.60 -21.62 12.83
CA ALA C 171 5.19 -21.39 12.61
C ALA C 171 4.56 -22.55 11.83
N TYR C 172 3.36 -22.94 12.23
CA TYR C 172 2.64 -24.01 11.55
C TYR C 172 1.48 -23.35 10.82
N TYR C 173 1.16 -23.86 9.65
CA TYR C 173 0.11 -23.26 8.85
C TYR C 173 -1.08 -24.16 8.61
N VAL C 174 -2.26 -23.73 9.02
CA VAL C 174 -3.45 -24.53 8.81
C VAL C 174 -4.04 -24.11 7.47
N TYR C 175 -4.31 -25.09 6.62
CA TYR C 175 -4.76 -24.83 5.25
C TYR C 175 -5.82 -25.84 4.76
N ARG C 176 -7.10 -25.46 4.68
CA ARG C 176 -8.10 -26.39 4.16
C ARG C 176 -8.23 -26.21 2.66
N LEU C 177 -7.79 -27.19 1.88
CA LEU C 177 -7.90 -27.06 0.42
C LEU C 177 -9.35 -27.05 0.00
N GLN C 178 -9.63 -26.43 -1.13
CA GLN C 178 -10.96 -26.35 -1.69
C GLN C 178 -11.03 -27.61 -2.55
N VAL C 179 -11.99 -28.47 -2.29
CA VAL C 179 -12.07 -29.71 -3.06
C VAL C 179 -13.52 -30.00 -3.49
N SER C 180 -13.68 -30.79 -4.55
CA SER C 180 -15.01 -31.14 -5.04
C SER C 180 -14.93 -32.07 -6.23
N SER C 181 -16.09 -32.39 -6.79
CA SER C 181 -16.15 -33.26 -7.95
C SER C 181 -15.62 -32.46 -9.12
N ILE C 182 -15.07 -33.14 -10.12
CA ILE C 182 -14.55 -32.46 -11.29
C ILE C 182 -15.47 -32.72 -12.48
N ASN C 183 -15.70 -31.69 -13.27
CA ASN C 183 -16.51 -31.83 -14.46
C ASN C 183 -16.03 -30.78 -15.44
N VAL C 184 -15.29 -31.26 -16.42
CA VAL C 184 -14.69 -30.43 -17.44
C VAL C 184 -15.67 -29.81 -18.41
N SER C 185 -15.29 -28.64 -18.92
CA SER C 185 -16.07 -27.87 -19.87
C SER C 185 -15.07 -27.35 -20.88
N VAL C 186 -15.15 -27.81 -22.12
CA VAL C 186 -14.21 -27.35 -23.12
C VAL C 186 -14.93 -26.71 -24.29
N ASN C 187 -14.25 -25.78 -24.95
CA ASN C 187 -14.82 -25.11 -26.11
C ASN C 187 -13.67 -24.56 -26.94
N ALA C 188 -14.00 -24.03 -28.12
CA ALA C 188 -13.00 -23.47 -28.99
C ALA C 188 -13.48 -22.13 -29.52
N VAL C 189 -12.55 -21.32 -29.97
CA VAL C 189 -12.88 -20.03 -30.52
C VAL C 189 -13.74 -20.28 -31.75
N GLN C 190 -13.50 -21.44 -32.37
CA GLN C 190 -14.24 -21.88 -33.55
C GLN C 190 -13.80 -23.30 -33.92
N THR C 191 -14.77 -24.18 -34.10
CA THR C 191 -14.49 -25.58 -34.41
C THR C 191 -13.93 -25.81 -35.81
N VAL C 192 -14.19 -24.88 -36.72
CA VAL C 192 -13.73 -25.00 -38.11
C VAL C 192 -12.83 -23.83 -38.47
N VAL C 193 -11.54 -24.09 -38.57
CA VAL C 193 -10.55 -23.06 -38.86
C VAL C 193 -9.87 -23.31 -40.20
N ARG C 194 -9.24 -22.27 -40.73
CA ARG C 194 -8.57 -22.37 -42.02
C ARG C 194 -7.05 -22.34 -41.89
N GLN C 195 -6.38 -22.93 -42.88
CA GLN C 195 -4.92 -22.98 -42.92
C GLN C 195 -4.28 -21.66 -42.52
N GLY C 196 -3.15 -21.74 -41.82
CA GLY C 196 -2.42 -20.55 -41.41
C GLY C 196 -3.05 -19.66 -40.35
N GLU C 197 -4.22 -20.04 -39.83
CA GLU C 197 -4.88 -19.25 -38.79
C GLU C 197 -4.65 -19.85 -37.40
N ASN C 198 -5.12 -19.15 -36.36
CA ASN C 198 -4.94 -19.59 -34.98
C ASN C 198 -5.98 -20.63 -34.55
N ILE C 199 -5.59 -21.47 -33.60
CA ILE C 199 -6.52 -22.44 -33.02
C ILE C 199 -6.47 -22.23 -31.51
N THR C 200 -7.62 -22.17 -30.88
CA THR C 200 -7.61 -21.98 -29.44
C THR C 200 -8.80 -22.63 -28.75
N LEU C 201 -8.49 -23.49 -27.79
CA LEU C 201 -9.51 -24.19 -27.05
C LEU C 201 -9.41 -23.83 -25.60
N MET C 202 -10.49 -24.09 -24.86
CA MET C 202 -10.54 -23.75 -23.46
C MET C 202 -11.09 -24.88 -22.62
N CYS C 203 -10.48 -25.06 -21.47
CA CYS C 203 -10.91 -26.09 -20.53
C CYS C 203 -11.10 -25.39 -19.19
N ILE C 204 -12.29 -25.51 -18.63
CA ILE C 204 -12.56 -24.88 -17.37
C ILE C 204 -13.16 -25.85 -16.37
N VAL C 205 -12.56 -25.94 -15.20
CA VAL C 205 -13.07 -26.81 -14.16
C VAL C 205 -13.20 -25.92 -12.94
N ILE C 206 -14.22 -26.17 -12.13
CA ILE C 206 -14.47 -25.36 -10.97
C ILE C 206 -14.68 -26.24 -9.76
N GLY C 207 -14.28 -25.75 -8.60
CA GLY C 207 -14.46 -26.53 -7.40
C GLY C 207 -13.17 -26.94 -6.71
N ASN C 208 -12.09 -27.13 -7.49
CA ASN C 208 -10.81 -27.52 -6.92
C ASN C 208 -9.74 -26.45 -7.06
N GLU C 209 -9.00 -26.26 -5.97
CA GLU C 209 -7.93 -25.29 -5.87
C GLU C 209 -6.70 -25.75 -6.64
N VAL C 210 -6.49 -27.05 -6.70
CA VAL C 210 -5.34 -27.60 -7.40
C VAL C 210 -5.81 -28.75 -8.30
N VAL C 211 -5.41 -28.70 -9.56
CA VAL C 211 -5.77 -29.72 -10.53
C VAL C 211 -4.72 -29.87 -11.60
N ASN C 212 -4.70 -31.05 -12.19
CA ASN C 212 -3.78 -31.31 -13.25
C ASN C 212 -4.54 -31.37 -14.56
N PHE C 213 -4.12 -30.51 -15.49
CA PHE C 213 -4.74 -30.42 -16.81
C PHE C 213 -3.90 -31.21 -17.78
N GLU C 214 -4.55 -32.02 -18.59
CA GLU C 214 -3.85 -32.81 -19.58
C GLU C 214 -4.49 -32.66 -20.95
N TRP C 215 -3.74 -32.16 -21.92
CA TRP C 215 -4.25 -31.97 -23.29
C TRP C 215 -3.68 -33.01 -24.26
N THR C 216 -4.55 -33.82 -24.83
CA THR C 216 -4.10 -34.78 -25.82
C THR C 216 -4.64 -34.22 -27.14
N TYR C 217 -3.82 -34.23 -28.17
CA TYR C 217 -4.20 -33.66 -29.44
C TYR C 217 -3.28 -34.13 -30.58
N PRO C 218 -3.73 -33.98 -31.84
CA PRO C 218 -2.99 -34.37 -33.05
C PRO C 218 -1.50 -34.03 -33.04
N ARG C 219 -1.21 -32.74 -33.09
CA ARG C 219 0.16 -32.23 -33.11
C ARG C 219 1.06 -32.76 -31.98
N LYS C 220 0.51 -33.63 -31.12
CA LYS C 220 1.29 -34.15 -29.99
C LYS C 220 2.33 -35.23 -30.30
N GLU C 221 1.90 -36.49 -30.46
CA GLU C 221 2.85 -37.57 -30.74
C GLU C 221 3.66 -37.26 -31.99
N SER C 222 4.98 -37.29 -31.84
CA SER C 222 5.88 -36.98 -32.95
C SER C 222 5.50 -35.62 -33.49
N GLY C 223 6.08 -34.59 -32.89
CA GLY C 223 5.79 -33.24 -33.31
C GLY C 223 5.70 -32.36 -32.09
N ARG C 224 6.48 -31.29 -32.09
CA ARG C 224 6.50 -30.35 -30.99
C ARG C 224 5.10 -30.21 -30.39
N LEU C 225 5.02 -30.33 -29.07
CA LEU C 225 3.75 -30.19 -28.39
C LEU C 225 3.51 -28.73 -28.03
N VAL C 226 2.27 -28.42 -27.67
CA VAL C 226 1.91 -27.06 -27.32
C VAL C 226 1.76 -26.90 -25.81
N GLU C 227 2.27 -25.78 -25.29
CA GLU C 227 2.18 -25.49 -23.86
C GLU C 227 0.92 -24.71 -23.58
N PRO C 228 0.01 -25.27 -22.78
CA PRO C 228 -1.21 -24.52 -22.49
C PRO C 228 -0.93 -23.38 -21.50
N VAL C 229 -1.89 -22.48 -21.35
CA VAL C 229 -1.78 -21.37 -20.43
C VAL C 229 -2.99 -21.42 -19.52
N THR C 230 -2.73 -21.48 -18.22
CA THR C 230 -3.81 -21.57 -17.25
C THR C 230 -4.08 -20.21 -16.63
N ASP C 231 -5.33 -20.05 -16.22
CA ASP C 231 -5.79 -18.79 -15.68
C ASP C 231 -6.78 -19.05 -14.56
N PHE C 232 -6.96 -18.05 -13.69
CA PHE C 232 -7.92 -18.17 -12.59
C PHE C 232 -8.93 -17.03 -12.73
N LEU C 233 -10.18 -17.38 -13.05
CA LEU C 233 -11.23 -16.37 -13.21
C LEU C 233 -11.71 -15.92 -11.84
N LEU C 234 -12.38 -16.83 -11.13
CA LEU C 234 -12.90 -16.55 -9.80
C LEU C 234 -12.18 -17.38 -8.74
N ASP C 235 -11.70 -16.69 -7.71
CA ASP C 235 -10.96 -17.35 -6.66
C ASP C 235 -11.75 -17.98 -5.51
N MET C 236 -12.97 -17.53 -5.25
CA MET C 236 -13.72 -18.17 -4.17
C MET C 236 -14.02 -19.57 -4.72
N PRO C 237 -15.23 -19.82 -5.28
CA PRO C 237 -15.29 -21.21 -5.76
C PRO C 237 -14.25 -21.23 -6.89
N TYR C 238 -13.15 -21.97 -6.69
CA TYR C 238 -12.11 -21.98 -7.72
C TYR C 238 -12.55 -22.28 -9.13
N HIS C 239 -12.28 -21.30 -9.99
CA HIS C 239 -12.58 -21.35 -11.40
C HIS C 239 -11.25 -21.32 -12.07
N ILE C 240 -10.84 -22.46 -12.60
CA ILE C 240 -9.56 -22.54 -13.27
C ILE C 240 -9.78 -22.85 -14.75
N ARG C 241 -9.04 -22.15 -15.59
CA ARG C 241 -9.17 -22.29 -17.01
C ARG C 241 -7.83 -22.56 -17.67
N SER C 242 -7.86 -23.46 -18.65
CA SER C 242 -6.66 -23.82 -19.38
C SER C 242 -6.96 -23.57 -20.83
N ILE C 243 -6.09 -22.84 -21.52
CA ILE C 243 -6.32 -22.58 -22.93
C ILE C 243 -5.18 -23.16 -23.74
N LEU C 244 -5.53 -23.93 -24.76
CA LEU C 244 -4.54 -24.53 -25.66
C LEU C 244 -4.57 -23.65 -26.89
N HIS C 245 -3.43 -23.07 -27.25
CA HIS C 245 -3.39 -22.20 -28.41
C HIS C 245 -2.38 -22.65 -29.45
N ILE C 246 -2.87 -22.87 -30.67
CA ILE C 246 -2.00 -23.29 -31.76
C ILE C 246 -2.10 -22.29 -32.92
N PRO C 247 -1.11 -21.39 -33.04
CA PRO C 247 -1.09 -20.39 -34.11
C PRO C 247 -0.63 -21.00 -35.42
N SER C 248 -0.92 -20.34 -36.53
CA SER C 248 -0.52 -20.82 -37.85
C SER C 248 -0.97 -22.26 -38.07
N ALA C 249 -2.20 -22.53 -37.70
CA ALA C 249 -2.76 -23.87 -37.82
C ALA C 249 -2.36 -24.54 -39.12
N GLU C 250 -1.68 -25.67 -39.00
CA GLU C 250 -1.28 -26.46 -40.15
C GLU C 250 -2.41 -27.46 -40.30
N LEU C 251 -2.36 -28.31 -41.31
CA LEU C 251 -3.42 -29.28 -41.41
C LEU C 251 -3.06 -30.37 -40.42
N GLU C 252 -3.72 -31.52 -40.51
CA GLU C 252 -3.47 -32.62 -39.59
C GLU C 252 -3.90 -32.22 -38.18
N ASP C 253 -3.84 -30.92 -37.89
CA ASP C 253 -4.25 -30.40 -36.60
C ASP C 253 -5.69 -30.80 -36.44
N SER C 254 -6.34 -31.02 -37.57
CA SER C 254 -7.73 -31.45 -37.55
C SER C 254 -7.73 -32.77 -36.79
N GLY C 255 -8.82 -33.05 -36.11
CA GLY C 255 -8.90 -34.28 -35.36
C GLY C 255 -9.45 -34.03 -33.96
N THR C 256 -9.29 -35.02 -33.10
CA THR C 256 -9.79 -34.90 -31.74
C THR C 256 -8.83 -34.17 -30.82
N TYR C 257 -9.40 -33.30 -29.98
CA TYR C 257 -8.65 -32.55 -28.97
C TYR C 257 -9.33 -32.91 -27.67
N THR C 258 -8.53 -33.21 -26.66
CA THR C 258 -9.11 -33.63 -25.39
C THR C 258 -8.44 -32.93 -24.21
N CYS C 259 -9.23 -32.73 -23.17
CA CYS C 259 -8.72 -32.13 -21.98
C CYS C 259 -9.09 -33.13 -20.91
N ASN C 260 -8.07 -33.73 -20.29
CA ASN C 260 -8.27 -34.70 -19.23
C ASN C 260 -7.88 -33.93 -17.98
N VAL C 261 -8.76 -33.87 -16.99
CA VAL C 261 -8.44 -33.15 -15.79
C VAL C 261 -8.54 -34.00 -14.56
N THR C 262 -7.49 -33.96 -13.75
CA THR C 262 -7.48 -34.71 -12.52
C THR C 262 -6.93 -33.86 -11.38
N GLU C 263 -7.49 -34.07 -10.20
CA GLU C 263 -7.03 -33.38 -9.01
C GLU C 263 -6.36 -34.50 -8.21
N SER C 264 -5.11 -34.28 -7.81
CA SER C 264 -4.33 -35.27 -7.07
C SER C 264 -4.63 -35.44 -5.59
N VAL C 265 -5.44 -34.54 -5.02
CA VAL C 265 -5.76 -34.64 -3.61
C VAL C 265 -6.68 -35.82 -3.32
N ASN C 266 -7.59 -36.11 -4.24
CA ASN C 266 -8.50 -37.23 -4.08
C ASN C 266 -8.57 -38.07 -5.35
N ASP C 267 -7.75 -37.71 -6.32
CA ASP C 267 -7.68 -38.43 -7.58
C ASP C 267 -8.97 -38.57 -8.36
N HIS C 268 -9.72 -37.49 -8.48
CA HIS C 268 -10.93 -37.53 -9.29
C HIS C 268 -10.46 -37.21 -10.70
N GLN C 269 -11.20 -37.70 -11.69
CA GLN C 269 -10.80 -37.49 -13.08
C GLN C 269 -12.02 -37.20 -13.93
N ASP C 270 -11.79 -36.57 -15.07
CA ASP C 270 -12.87 -36.23 -15.99
C ASP C 270 -12.24 -35.75 -17.29
N GLU C 271 -12.92 -36.00 -18.41
CA GLU C 271 -12.40 -35.58 -19.71
C GLU C 271 -13.49 -35.23 -20.71
N LYS C 272 -13.17 -34.31 -21.60
CA LYS C 272 -14.11 -33.91 -22.63
C LYS C 272 -13.33 -33.79 -23.93
N ALA C 273 -13.93 -34.27 -25.01
CA ALA C 273 -13.28 -34.22 -26.32
C ALA C 273 -14.08 -33.35 -27.27
N ILE C 274 -13.40 -32.74 -28.23
CA ILE C 274 -14.08 -31.94 -29.23
C ILE C 274 -13.25 -32.11 -30.46
N ASN C 275 -13.90 -31.99 -31.61
CA ASN C 275 -13.22 -32.16 -32.87
C ASN C 275 -13.03 -30.85 -33.57
N ILE C 276 -11.82 -30.62 -34.07
CA ILE C 276 -11.49 -29.42 -34.79
C ILE C 276 -11.02 -29.82 -36.17
N THR C 277 -11.48 -29.11 -37.18
CA THR C 277 -11.09 -29.42 -38.55
C THR C 277 -10.51 -28.20 -39.24
N VAL C 278 -9.31 -28.36 -39.79
CA VAL C 278 -8.64 -27.28 -40.49
C VAL C 278 -8.87 -27.45 -41.99
N VAL C 279 -9.06 -26.33 -42.68
CA VAL C 279 -9.29 -26.37 -44.13
C VAL C 279 -8.24 -25.56 -44.89
N GLU C 280 -8.09 -25.85 -46.17
CA GLU C 280 -7.11 -25.15 -47.02
C GLU C 280 -7.75 -24.08 -47.90
N VAL D 2 7.19 64.22 2.27
CA VAL D 2 7.38 63.21 3.37
C VAL D 2 8.86 62.91 3.53
N VAL D 3 9.31 62.81 4.78
CA VAL D 3 10.72 62.53 5.09
C VAL D 3 10.84 61.72 6.39
N THR D 4 12.00 61.09 6.59
CA THR D 4 12.25 60.27 7.77
C THR D 4 13.72 60.34 8.21
N PRO D 5 13.99 60.05 9.49
CA PRO D 5 15.37 60.09 9.99
C PRO D 5 15.96 58.71 10.26
N PRO D 6 16.92 58.26 9.43
CA PRO D 6 17.48 58.92 8.25
C PRO D 6 17.13 58.16 6.96
N GLY D 7 17.13 56.83 7.05
CA GLY D 7 16.83 55.99 5.91
C GLY D 7 18.09 55.47 5.24
N PRO D 8 18.00 54.46 4.37
CA PRO D 8 16.79 53.74 3.95
C PRO D 8 16.67 52.39 4.68
N GLU D 9 17.82 51.82 5.02
CA GLU D 9 17.89 50.54 5.71
C GLU D 9 18.65 50.67 7.03
N LEU D 10 18.05 50.21 8.12
CA LEU D 10 18.66 50.33 9.44
C LEU D 10 18.94 48.99 10.09
N VAL D 11 20.10 48.88 10.74
CA VAL D 11 20.48 47.67 11.46
C VAL D 11 20.65 48.08 12.92
N LEU D 12 19.69 47.67 13.76
CA LEU D 12 19.70 48.03 15.18
C LEU D 12 20.13 46.89 16.11
N ASN D 13 20.57 47.24 17.31
CA ASN D 13 20.99 46.25 18.30
C ASN D 13 19.79 45.73 19.08
N VAL D 14 19.93 44.52 19.61
CA VAL D 14 18.85 43.87 20.36
C VAL D 14 18.48 44.61 21.64
N SER D 15 17.20 44.57 21.99
CA SER D 15 16.66 45.21 23.19
C SER D 15 16.99 46.70 23.38
N SER D 16 17.63 47.31 22.39
CA SER D 16 17.98 48.72 22.47
C SER D 16 16.75 49.55 22.10
N THR D 17 16.86 50.88 22.16
CA THR D 17 15.74 51.75 21.85
C THR D 17 15.98 52.55 20.56
N PHE D 18 14.89 53.05 19.96
CA PHE D 18 15.00 53.84 18.73
C PHE D 18 13.77 54.68 18.42
N VAL D 19 14.00 55.79 17.71
CA VAL D 19 12.92 56.71 17.35
C VAL D 19 12.92 57.02 15.85
N LEU D 20 11.74 56.89 15.23
CA LEU D 20 11.61 57.17 13.81
C LEU D 20 10.64 58.32 13.65
N THR D 21 11.05 59.34 12.91
CA THR D 21 10.21 60.51 12.68
C THR D 21 9.78 60.54 11.22
N CYS D 22 8.74 61.30 10.92
CA CYS D 22 8.28 61.41 9.55
C CYS D 22 7.24 62.51 9.41
N SER D 23 7.63 63.55 8.69
CA SER D 23 6.76 64.71 8.50
C SER D 23 6.44 65.06 7.05
N GLY D 24 5.30 65.71 6.87
CA GLY D 24 4.85 66.13 5.56
C GLY D 24 3.87 67.27 5.73
N SER D 25 3.59 68.00 4.66
CA SER D 25 2.66 69.12 4.74
C SER D 25 1.31 68.71 5.33
N ALA D 26 0.82 67.53 4.95
CA ALA D 26 -0.47 67.03 5.46
C ALA D 26 -0.23 66.06 6.62
N PRO D 27 -1.32 65.57 7.24
CA PRO D 27 -1.22 64.64 8.37
C PRO D 27 -0.41 63.39 8.01
N VAL D 28 0.25 62.79 8.98
CA VAL D 28 1.08 61.61 8.72
C VAL D 28 0.96 60.51 9.76
N VAL D 29 1.17 59.26 9.32
CA VAL D 29 1.10 58.08 10.20
C VAL D 29 1.97 56.92 9.71
N TRP D 30 2.47 56.12 10.65
CA TRP D 30 3.29 54.96 10.32
C TRP D 30 2.42 53.70 10.29
N GLU D 31 2.89 52.66 9.62
CA GLU D 31 2.13 51.41 9.54
C GLU D 31 3.00 50.18 9.36
N ARG D 32 3.10 49.38 10.41
CA ARG D 32 3.90 48.15 10.39
C ARG D 32 2.97 46.94 10.31
N MET D 33 2.97 46.28 9.16
CA MET D 33 2.14 45.09 8.93
C MET D 33 0.68 45.45 8.62
N SER D 34 0.48 46.53 7.86
CA SER D 34 -0.84 47.01 7.48
C SER D 34 -1.68 47.61 8.61
N GLN D 35 -1.10 47.67 9.81
CA GLN D 35 -1.80 48.26 10.96
C GLN D 35 -0.88 49.22 11.74
N GLU D 36 -1.32 50.47 11.91
CA GLU D 36 -0.53 51.48 12.62
C GLU D 36 -0.37 51.20 14.12
N PRO D 37 0.88 51.18 14.59
CA PRO D 37 1.30 50.93 15.98
C PRO D 37 1.23 52.16 16.90
N PRO D 38 1.78 52.04 18.13
CA PRO D 38 1.77 53.16 19.09
C PRO D 38 2.57 54.35 18.56
N GLN D 39 1.87 55.35 18.04
CA GLN D 39 2.52 56.53 17.51
C GLN D 39 2.37 57.73 18.45
N GLU D 40 2.70 58.90 17.92
CA GLU D 40 2.61 60.16 18.64
C GLU D 40 2.61 61.29 17.60
N MET D 41 1.45 61.51 16.98
CA MET D 41 1.29 62.55 15.98
C MET D 41 1.37 63.95 16.59
N ALA D 42 1.87 64.90 15.82
CA ALA D 42 2.00 66.28 16.30
C ALA D 42 2.08 67.26 15.13
N LYS D 43 1.33 68.35 15.23
CA LYS D 43 1.32 69.38 14.18
C LYS D 43 2.18 70.59 14.52
N ALA D 44 2.98 71.02 13.55
CA ALA D 44 3.86 72.18 13.73
C ALA D 44 3.10 73.44 13.34
N GLN D 45 3.42 74.55 14.00
CA GLN D 45 2.77 75.84 13.75
C GLN D 45 3.03 76.34 12.33
N ASP D 46 4.08 75.81 11.70
CA ASP D 46 4.46 76.20 10.35
C ASP D 46 3.81 75.35 9.25
N GLY D 47 2.67 74.74 9.58
CA GLY D 47 1.97 73.91 8.60
C GLY D 47 2.73 72.64 8.26
N THR D 48 3.23 71.97 9.30
CA THR D 48 3.98 70.73 9.13
C THR D 48 3.52 69.66 10.12
N PHE D 49 3.01 68.55 9.58
CA PHE D 49 2.55 67.43 10.41
C PHE D 49 3.65 66.40 10.50
N SER D 50 3.78 65.78 11.68
CA SER D 50 4.80 64.77 11.90
C SER D 50 4.24 63.59 12.70
N SER D 51 5.02 62.53 12.79
CA SER D 51 4.62 61.34 13.52
C SER D 51 5.85 60.58 13.97
N VAL D 52 5.83 60.16 15.23
CA VAL D 52 6.96 59.42 15.79
C VAL D 52 6.45 58.15 16.47
N LEU D 53 7.29 57.12 16.46
CA LEU D 53 6.95 55.86 17.08
C LEU D 53 8.22 55.28 17.70
N THR D 54 8.15 55.04 19.00
CA THR D 54 9.31 54.50 19.72
C THR D 54 9.30 52.98 19.71
N LEU D 55 10.42 52.41 19.31
CA LEU D 55 10.57 50.96 19.26
C LEU D 55 11.35 50.55 20.50
N THR D 56 10.64 50.06 21.51
CA THR D 56 11.29 49.68 22.75
C THR D 56 11.56 48.19 22.85
N ASN D 57 12.70 47.85 23.44
CA ASN D 57 13.11 46.46 23.60
C ASN D 57 13.14 45.82 22.22
N LEU D 58 14.16 46.13 21.44
CA LEU D 58 14.27 45.59 20.09
C LEU D 58 14.49 44.08 20.08
N THR D 59 13.67 43.38 19.29
CA THR D 59 13.76 41.94 19.15
C THR D 59 13.70 41.59 17.68
N GLY D 60 14.37 40.51 17.28
CA GLY D 60 14.36 40.10 15.90
C GLY D 60 12.99 40.20 15.25
N LEU D 61 11.97 39.71 15.94
CA LEU D 61 10.60 39.73 15.43
C LEU D 61 10.14 41.08 14.92
N ASP D 62 10.92 42.12 15.22
CA ASP D 62 10.55 43.45 14.77
C ASP D 62 11.05 43.71 13.33
N THR D 63 12.17 43.09 12.97
CA THR D 63 12.76 43.22 11.63
C THR D 63 11.71 43.23 10.53
N GLY D 64 11.74 44.24 9.66
CA GLY D 64 10.76 44.28 8.60
C GLY D 64 10.52 45.65 8.00
N GLU D 65 9.47 45.76 7.19
CA GLU D 65 9.11 47.00 6.52
C GLU D 65 8.33 47.94 7.42
N TYR D 66 8.74 49.20 7.42
CA TYR D 66 8.10 50.24 8.19
C TYR D 66 7.83 51.37 7.21
N PHE D 67 6.56 51.72 7.03
CA PHE D 67 6.22 52.79 6.12
C PHE D 67 5.74 54.03 6.83
N CYS D 68 5.52 55.08 6.05
CA CYS D 68 5.01 56.35 6.55
C CYS D 68 4.11 56.88 5.46
N THR D 69 2.81 56.93 5.75
CA THR D 69 1.81 57.37 4.80
C THR D 69 1.25 58.79 4.95
N HIS D 70 0.01 58.96 4.51
CA HIS D 70 -0.65 60.26 4.54
C HIS D 70 -2.11 60.26 5.02
N ASN D 71 -2.42 59.56 6.11
CA ASN D 71 -3.81 59.55 6.55
C ASN D 71 -4.10 59.93 8.02
N ASP D 72 -5.39 60.14 8.29
CA ASP D 72 -5.92 60.53 9.60
C ASP D 72 -5.21 59.92 10.79
N ASP D 79 -0.49 56.38 -2.79
CA ASP D 79 0.37 55.34 -3.35
C ASP D 79 1.84 55.71 -3.17
N GLU D 80 2.08 56.96 -2.79
CA GLU D 80 3.42 57.47 -2.57
C GLU D 80 3.77 57.59 -1.09
N ARG D 81 4.69 56.76 -0.64
CA ARG D 81 5.13 56.80 0.75
C ARG D 81 6.60 56.48 0.84
N LYS D 82 7.11 56.36 2.07
CA LYS D 82 8.51 56.08 2.28
C LYS D 82 8.71 54.83 3.13
N ARG D 83 9.30 53.80 2.56
CA ARG D 83 9.54 52.57 3.32
C ARG D 83 10.97 52.44 3.82
N LEU D 84 11.10 52.03 5.07
CA LEU D 84 12.39 51.82 5.69
C LEU D 84 12.44 50.35 6.07
N TYR D 85 13.63 49.77 6.05
CA TYR D 85 13.74 48.39 6.42
C TYR D 85 14.64 48.32 7.63
N ILE D 86 14.16 47.66 8.67
CA ILE D 86 14.91 47.56 9.91
C ILE D 86 15.31 46.13 10.26
N PHE D 87 16.59 45.96 10.53
CA PHE D 87 17.16 44.66 10.90
C PHE D 87 17.54 44.62 12.38
N VAL D 88 16.90 43.72 13.12
CA VAL D 88 17.18 43.57 14.53
C VAL D 88 17.84 42.22 14.76
N PRO D 89 19.16 42.14 14.47
CA PRO D 89 19.98 40.93 14.61
C PRO D 89 19.78 40.20 15.95
N ASP D 90 18.84 39.24 15.96
CA ASP D 90 18.54 38.49 17.17
C ASP D 90 18.86 36.99 17.07
N PRO D 91 19.93 36.55 17.74
CA PRO D 91 20.35 35.15 17.75
C PRO D 91 19.34 34.17 18.35
N THR D 92 18.23 34.70 18.85
CA THR D 92 17.19 33.85 19.43
C THR D 92 16.06 33.79 18.41
N VAL D 93 16.36 34.25 17.20
CA VAL D 93 15.39 34.26 16.11
C VAL D 93 16.05 33.90 14.78
N GLY D 94 15.64 32.77 14.20
CA GLY D 94 16.17 32.35 12.93
C GLY D 94 15.47 33.07 11.80
N PHE D 95 14.72 32.33 11.00
CA PHE D 95 14.00 32.93 9.90
C PHE D 95 12.70 33.57 10.39
N LEU D 96 12.48 34.80 9.99
CA LEU D 96 11.27 35.50 10.38
C LEU D 96 10.07 34.64 10.01
N PRO D 97 9.38 34.09 11.03
CA PRO D 97 8.21 33.26 10.75
C PRO D 97 7.22 34.00 9.87
N ASN D 98 6.57 33.26 8.97
CA ASN D 98 5.61 33.85 8.06
C ASN D 98 4.37 32.98 7.85
N ASP D 99 3.29 33.60 7.40
CA ASP D 99 2.01 32.95 7.15
C ASP D 99 2.11 31.68 6.34
N ALA D 100 1.11 30.82 6.48
CA ALA D 100 1.06 29.57 5.74
C ALA D 100 0.66 29.90 4.30
N GLU D 101 -0.05 31.01 4.14
CA GLU D 101 -0.49 31.44 2.81
C GLU D 101 0.72 31.93 2.03
N GLU D 102 1.80 32.20 2.76
CA GLU D 102 3.04 32.68 2.15
C GLU D 102 3.88 31.48 1.72
N LEU D 103 3.75 30.38 2.46
CA LEU D 103 4.49 29.17 2.16
C LEU D 103 4.05 28.53 0.86
N PHE D 104 2.84 28.85 0.41
CA PHE D 104 2.37 28.32 -0.86
C PHE D 104 2.44 29.44 -1.87
N ILE D 105 3.04 29.14 -3.01
CA ILE D 105 3.21 30.12 -4.06
C ILE D 105 2.50 29.60 -5.30
N PHE D 106 1.27 30.05 -5.51
CA PHE D 106 0.51 29.60 -6.68
C PHE D 106 0.67 30.59 -7.80
N LEU D 107 0.81 30.08 -9.01
CA LEU D 107 1.04 30.95 -10.15
C LEU D 107 0.15 30.66 -11.34
N THR D 108 -0.21 31.72 -12.03
CA THR D 108 -1.08 31.69 -13.20
C THR D 108 -0.29 31.55 -14.49
N GLU D 109 1.01 31.84 -14.41
CA GLU D 109 1.89 31.78 -15.58
C GLU D 109 3.36 31.67 -15.20
N ILE D 110 4.22 31.55 -16.21
CA ILE D 110 5.67 31.46 -16.02
C ILE D 110 6.21 32.84 -15.67
N THR D 111 6.82 32.98 -14.50
CA THR D 111 7.34 34.26 -14.08
C THR D 111 8.39 34.09 -13.00
N GLU D 112 9.08 35.18 -12.73
CA GLU D 112 10.12 35.23 -11.70
C GLU D 112 9.38 34.95 -10.41
N ILE D 113 10.04 34.35 -9.44
CA ILE D 113 9.41 34.02 -8.17
C ILE D 113 10.32 34.42 -7.02
N THR D 114 9.72 34.64 -5.86
CA THR D 114 10.47 35.01 -4.68
C THR D 114 10.10 34.05 -3.59
N ILE D 115 11.10 33.53 -2.90
CA ILE D 115 10.87 32.62 -1.80
C ILE D 115 11.24 33.48 -0.59
N PRO D 116 10.25 34.19 -0.03
CA PRO D 116 10.35 35.09 1.12
C PRO D 116 10.90 34.59 2.46
N CYS D 117 12.03 33.91 2.43
CA CYS D 117 12.62 33.47 3.68
C CYS D 117 13.64 34.53 4.06
N ARG D 118 13.40 35.22 5.17
CA ARG D 118 14.27 36.30 5.61
C ARG D 118 14.93 36.09 6.96
N VAL D 119 16.08 36.72 7.15
CA VAL D 119 16.81 36.63 8.41
C VAL D 119 16.78 37.96 9.16
N THR D 120 17.41 37.99 10.34
CA THR D 120 17.43 39.22 11.14
C THR D 120 18.75 39.97 11.02
N ASP D 121 19.82 39.24 10.73
CA ASP D 121 21.15 39.85 10.59
C ASP D 121 21.65 39.86 9.14
N PRO D 122 21.77 41.06 8.54
CA PRO D 122 22.22 41.30 7.18
C PRO D 122 23.53 40.61 6.81
N GLN D 123 24.31 40.23 7.82
CA GLN D 123 25.59 39.58 7.59
C GLN D 123 25.48 38.04 7.58
N LEU D 124 24.25 37.53 7.65
CA LEU D 124 23.99 36.08 7.64
C LEU D 124 24.03 35.48 6.23
N VAL D 125 24.66 34.31 6.10
CA VAL D 125 24.76 33.60 4.83
C VAL D 125 23.56 32.69 4.67
N VAL D 126 22.62 33.06 3.81
CA VAL D 126 21.42 32.25 3.58
C VAL D 126 21.45 31.55 2.22
N THR D 127 21.31 30.23 2.22
CA THR D 127 21.30 29.46 0.99
C THR D 127 19.93 28.85 0.67
N LEU D 128 19.69 28.56 -0.60
CA LEU D 128 18.41 28.00 -1.03
C LEU D 128 18.61 26.54 -1.42
N HIS D 129 17.73 25.66 -0.94
CA HIS D 129 17.85 24.24 -1.25
C HIS D 129 16.49 23.62 -1.53
N GLU D 130 16.49 22.49 -2.23
CA GLU D 130 15.23 21.78 -2.44
C GLU D 130 15.05 21.09 -1.10
N LYS D 131 13.80 20.93 -0.65
CA LYS D 131 13.54 20.32 0.65
C LYS D 131 14.57 19.23 1.01
N LYS D 132 14.62 18.18 0.22
CA LYS D 132 15.58 17.10 0.45
C LYS D 132 16.70 17.23 -0.56
N GLY D 133 17.65 18.13 -0.27
CA GLY D 133 18.77 18.32 -1.16
C GLY D 133 19.85 19.00 -0.37
N ASP D 134 21.11 18.74 -0.68
CA ASP D 134 22.18 19.36 0.08
C ASP D 134 22.82 20.53 -0.65
N VAL D 135 23.03 20.38 -1.96
CA VAL D 135 23.67 21.44 -2.72
C VAL D 135 22.86 22.71 -2.73
N ALA D 136 23.54 23.85 -2.59
CA ALA D 136 22.87 25.15 -2.60
C ALA D 136 22.58 25.54 -4.04
N LEU D 137 21.45 26.21 -4.25
CA LEU D 137 21.05 26.62 -5.60
C LEU D 137 21.56 28.02 -5.98
N PRO D 138 21.91 28.21 -7.27
CA PRO D 138 22.41 29.49 -7.77
C PRO D 138 21.30 30.51 -8.03
N VAL D 139 20.68 30.98 -6.96
CA VAL D 139 19.63 31.98 -7.06
C VAL D 139 20.08 33.18 -6.20
N PRO D 140 19.84 34.40 -6.69
CA PRO D 140 20.26 35.58 -5.91
C PRO D 140 19.42 35.86 -4.67
N TYR D 141 20.10 36.17 -3.57
CA TYR D 141 19.41 36.46 -2.31
C TYR D 141 19.43 37.93 -1.89
N ASP D 142 18.27 38.41 -1.44
CA ASP D 142 18.07 39.78 -0.96
C ASP D 142 17.56 39.67 0.48
N HIS D 143 18.43 39.89 1.46
CA HIS D 143 18.03 39.77 2.86
C HIS D 143 16.73 40.48 3.21
N GLN D 144 16.27 41.36 2.34
CA GLN D 144 15.03 42.08 2.59
C GLN D 144 13.82 41.41 1.94
N ARG D 145 14.04 40.55 0.95
CA ARG D 145 12.93 39.89 0.28
C ARG D 145 13.08 38.38 0.16
N GLY D 146 14.32 37.90 0.12
CA GLY D 146 14.56 36.46 0.00
C GLY D 146 15.20 36.06 -1.31
N PHE D 147 14.94 34.84 -1.76
CA PHE D 147 15.49 34.35 -3.03
C PHE D 147 14.55 34.66 -4.17
N SER D 148 15.08 35.18 -5.27
CA SER D 148 14.26 35.49 -6.43
C SER D 148 14.84 34.83 -7.67
N GLY D 149 14.03 34.04 -8.36
CA GLY D 149 14.51 33.36 -9.55
C GLY D 149 13.40 32.63 -10.25
N ILE D 150 13.76 31.58 -10.98
CA ILE D 150 12.75 30.79 -11.67
C ILE D 150 12.84 29.37 -11.09
N PHE D 151 11.69 28.74 -10.86
CA PHE D 151 11.68 27.43 -10.24
C PHE D 151 10.75 26.44 -10.86
N GLU D 152 10.88 25.19 -10.45
CA GLU D 152 10.03 24.13 -10.92
C GLU D 152 9.08 23.88 -9.78
N ASP D 153 7.94 23.25 -10.06
CA ASP D 153 6.96 22.95 -9.02
C ASP D 153 7.49 21.89 -8.06
N ARG D 154 8.20 22.35 -7.04
CA ARG D 154 8.78 21.47 -6.04
C ARG D 154 8.72 22.19 -4.72
N SER D 155 9.35 21.63 -3.69
CA SER D 155 9.35 22.28 -2.39
C SER D 155 10.75 22.77 -2.04
N TYR D 156 10.84 23.93 -1.43
CA TYR D 156 12.14 24.47 -1.08
C TYR D 156 12.21 24.90 0.35
N ILE D 157 13.44 25.05 0.83
CA ILE D 157 13.69 25.52 2.18
C ILE D 157 14.97 26.34 2.11
N CYS D 158 15.17 27.20 3.09
CA CYS D 158 16.38 28.02 3.12
C CYS D 158 17.17 27.54 4.28
N LYS D 159 18.47 27.80 4.28
CA LYS D 159 19.34 27.38 5.36
C LYS D 159 20.28 28.51 5.76
N THR D 160 20.56 28.60 7.06
CA THR D 160 21.45 29.61 7.59
C THR D 160 22.23 29.05 8.77
N THR D 161 23.25 29.78 9.20
CA THR D 161 24.08 29.38 10.32
C THR D 161 24.03 30.41 11.45
N ILE D 162 23.08 30.24 12.35
CA ILE D 162 22.93 31.16 13.48
C ILE D 162 23.71 30.64 14.69
N GLY D 163 24.66 31.46 15.15
CA GLY D 163 25.47 31.05 16.27
C GLY D 163 26.52 30.06 15.77
N ASP D 164 26.12 28.79 15.69
CA ASP D 164 27.03 27.76 15.22
C ASP D 164 26.17 26.58 14.79
N ARG D 165 24.86 26.78 14.84
CA ARG D 165 23.90 25.76 14.48
C ARG D 165 23.21 26.08 13.16
N GLU D 166 23.06 25.08 12.29
CA GLU D 166 22.38 25.28 11.03
C GLU D 166 20.89 25.33 11.29
N VAL D 167 20.22 26.28 10.66
CA VAL D 167 18.77 26.42 10.83
C VAL D 167 18.11 26.29 9.46
N ASP D 168 16.97 25.60 9.43
CA ASP D 168 16.23 25.40 8.20
C ASP D 168 14.87 26.01 8.33
N SER D 169 14.53 26.92 7.44
CA SER D 169 13.23 27.55 7.51
C SER D 169 12.20 26.49 7.20
N ASP D 170 10.94 26.91 7.10
CA ASP D 170 9.88 26.00 6.78
C ASP D 170 10.09 25.60 5.34
N ALA D 171 9.12 24.91 4.77
CA ALA D 171 9.22 24.49 3.39
C ALA D 171 8.24 25.27 2.57
N TYR D 172 8.66 25.72 1.38
CA TYR D 172 7.80 26.48 0.50
C TYR D 172 7.42 25.57 -0.66
N TYR D 173 6.27 25.81 -1.28
CA TYR D 173 5.85 24.96 -2.36
C TYR D 173 5.46 25.78 -3.56
N VAL D 174 6.10 25.52 -4.69
CA VAL D 174 5.77 26.23 -5.90
C VAL D 174 4.71 25.38 -6.58
N TYR D 175 3.72 26.04 -7.17
CA TYR D 175 2.64 25.35 -7.86
C TYR D 175 2.21 26.30 -8.96
N ARG D 176 2.36 25.88 -10.20
CA ARG D 176 1.98 26.72 -11.32
C ARG D 176 0.70 26.10 -11.86
N LEU D 177 -0.34 26.91 -11.92
CA LEU D 177 -1.64 26.45 -12.36
C LEU D 177 -1.59 26.08 -13.82
N GLN D 178 -2.50 25.20 -14.19
CA GLN D 178 -2.62 24.70 -15.56
C GLN D 178 -3.70 25.50 -16.27
N VAL D 179 -3.29 26.30 -17.26
CA VAL D 179 -4.24 27.13 -17.99
C VAL D 179 -4.07 27.03 -19.51
N SER D 180 -5.15 27.30 -20.23
CA SER D 180 -5.14 27.26 -21.70
C SER D 180 -6.51 27.67 -22.25
N SER D 181 -6.67 27.53 -23.57
CA SER D 181 -7.93 27.86 -24.24
C SER D 181 -9.06 26.91 -23.84
N ILE D 182 -10.29 27.39 -23.87
CA ILE D 182 -11.43 26.56 -23.48
C ILE D 182 -12.36 26.16 -24.61
N ASN D 183 -12.55 24.85 -24.77
CA ASN D 183 -13.44 24.28 -25.80
C ASN D 183 -14.32 23.22 -25.15
N VAL D 184 -15.64 23.41 -25.23
CA VAL D 184 -16.58 22.45 -24.65
C VAL D 184 -17.01 21.35 -25.62
N SER D 185 -17.10 20.12 -25.13
CA SER D 185 -17.51 18.98 -25.95
C SER D 185 -18.70 18.29 -25.30
N VAL D 186 -19.91 18.66 -25.72
CA VAL D 186 -21.11 18.08 -25.15
C VAL D 186 -21.66 16.92 -25.96
N ASN D 187 -22.26 15.96 -25.26
CA ASN D 187 -22.86 14.79 -25.87
C ASN D 187 -23.88 14.24 -24.88
N ALA D 188 -24.63 13.23 -25.31
CA ALA D 188 -25.64 12.61 -24.46
C ALA D 188 -25.69 11.13 -24.81
N VAL D 189 -26.06 10.31 -23.85
CA VAL D 189 -26.17 8.88 -24.07
C VAL D 189 -27.06 8.66 -25.29
N GLN D 190 -28.02 9.58 -25.46
CA GLN D 190 -28.98 9.57 -26.57
C GLN D 190 -29.82 10.85 -26.52
N THR D 191 -29.85 11.59 -27.63
CA THR D 191 -30.59 12.84 -27.69
C THR D 191 -32.11 12.64 -27.70
N VAL D 192 -32.56 11.40 -27.86
CA VAL D 192 -33.99 11.10 -27.87
C VAL D 192 -34.29 10.01 -26.86
N VAL D 193 -34.94 10.41 -25.77
CA VAL D 193 -35.26 9.48 -24.69
C VAL D 193 -36.76 9.40 -24.49
N ARG D 194 -37.22 8.28 -23.93
CA ARG D 194 -38.65 8.09 -23.67
C ARG D 194 -39.01 8.55 -22.26
N GLN D 195 -40.28 8.87 -22.04
CA GLN D 195 -40.73 9.33 -20.73
C GLN D 195 -40.34 8.36 -19.63
N GLY D 196 -39.91 8.90 -18.50
CA GLY D 196 -39.53 8.05 -17.38
C GLY D 196 -38.19 7.34 -17.51
N GLU D 197 -37.35 7.82 -18.42
CA GLU D 197 -36.04 7.20 -18.61
C GLU D 197 -34.95 8.20 -18.19
N ASN D 198 -33.69 7.80 -18.33
CA ASN D 198 -32.57 8.64 -17.91
C ASN D 198 -31.99 9.60 -18.96
N ILE D 199 -31.79 10.85 -18.54
CA ILE D 199 -31.22 11.91 -19.37
C ILE D 199 -29.81 12.24 -18.91
N THR D 200 -28.82 11.60 -19.50
CA THR D 200 -27.42 11.84 -19.12
C THR D 200 -26.63 12.55 -20.19
N LEU D 201 -26.13 13.75 -19.84
CA LEU D 201 -25.31 14.54 -20.74
C LEU D 201 -23.92 14.63 -20.14
N MET D 202 -22.90 14.75 -20.98
CA MET D 202 -21.54 14.82 -20.49
C MET D 202 -20.76 15.96 -21.14
N CYS D 203 -20.40 16.94 -20.32
CA CYS D 203 -19.66 18.10 -20.79
C CYS D 203 -18.19 17.92 -20.44
N ILE D 204 -17.35 17.72 -21.45
CA ILE D 204 -15.93 17.53 -21.21
C ILE D 204 -15.07 18.66 -21.77
N VAL D 205 -14.13 19.10 -20.94
CA VAL D 205 -13.20 20.17 -21.31
C VAL D 205 -11.81 19.76 -20.82
N ILE D 206 -10.81 20.01 -21.66
CA ILE D 206 -9.43 19.64 -21.34
C ILE D 206 -8.47 20.81 -21.54
N GLY D 207 -7.52 20.95 -20.62
CA GLY D 207 -6.55 22.02 -20.71
C GLY D 207 -6.36 22.78 -19.39
N ASN D 208 -7.48 23.20 -18.80
CA ASN D 208 -7.43 23.94 -17.55
C ASN D 208 -7.61 23.01 -16.34
N GLU D 209 -6.99 23.37 -15.22
CA GLU D 209 -7.08 22.57 -14.01
C GLU D 209 -8.36 22.96 -13.26
N VAL D 210 -8.47 24.25 -12.94
CA VAL D 210 -9.63 24.78 -12.23
C VAL D 210 -10.57 25.53 -13.18
N VAL D 211 -11.69 24.89 -13.49
CA VAL D 211 -12.69 25.47 -14.39
C VAL D 211 -14.06 25.51 -13.72
N ASN D 212 -14.89 26.45 -14.14
CA ASN D 212 -16.24 26.56 -13.58
C ASN D 212 -17.18 25.92 -14.58
N PHE D 213 -18.24 25.29 -14.07
CA PHE D 213 -19.22 24.63 -14.94
C PHE D 213 -20.60 25.18 -14.66
N GLU D 214 -21.30 25.59 -15.71
CA GLU D 214 -22.66 26.09 -15.51
C GLU D 214 -23.62 25.48 -16.50
N TRP D 215 -24.59 24.74 -15.97
CA TRP D 215 -25.57 24.09 -16.81
C TRP D 215 -26.88 24.87 -16.93
N THR D 216 -27.27 25.17 -18.17
CA THR D 216 -28.51 25.87 -18.43
C THR D 216 -29.38 24.89 -19.21
N TYR D 217 -30.61 24.69 -18.74
CA TYR D 217 -31.50 23.73 -19.36
C TYR D 217 -32.98 24.08 -19.19
N PRO D 218 -33.89 23.21 -19.69
CA PRO D 218 -35.33 23.47 -19.57
C PRO D 218 -35.92 23.35 -18.16
N ARG D 219 -35.63 22.23 -17.49
CA ARG D 219 -36.14 21.97 -16.14
C ARG D 219 -35.42 22.76 -15.04
N LYS D 220 -34.82 23.90 -15.41
CA LYS D 220 -34.08 24.73 -14.46
C LYS D 220 -34.91 25.82 -13.77
N GLU D 221 -35.25 26.87 -14.51
CA GLU D 221 -36.04 27.98 -13.96
C GLU D 221 -37.37 27.48 -13.42
N SER D 222 -37.72 27.91 -12.21
CA SER D 222 -38.97 27.51 -11.56
C SER D 222 -39.16 25.99 -11.61
N GLY D 223 -38.32 25.27 -10.87
CA GLY D 223 -38.38 23.82 -10.83
C GLY D 223 -37.08 23.30 -10.23
N ARG D 224 -37.15 22.24 -9.43
CA ARG D 224 -35.96 21.69 -8.81
C ARG D 224 -34.85 21.46 -9.84
N LEU D 225 -33.73 22.15 -9.65
CA LEU D 225 -32.59 22.03 -10.55
C LEU D 225 -31.83 20.73 -10.29
N VAL D 226 -30.88 20.43 -11.17
CA VAL D 226 -30.07 19.22 -11.05
C VAL D 226 -28.64 19.52 -10.60
N GLU D 227 -28.06 18.57 -9.87
CA GLU D 227 -26.70 18.70 -9.39
C GLU D 227 -25.76 17.95 -10.33
N PRO D 228 -24.87 18.69 -11.01
CA PRO D 228 -23.94 18.02 -11.93
C PRO D 228 -22.87 17.31 -11.14
N VAL D 229 -22.26 16.30 -11.75
CA VAL D 229 -21.21 15.55 -11.09
C VAL D 229 -19.96 15.56 -11.96
N THR D 230 -18.95 16.29 -11.50
CA THR D 230 -17.70 16.39 -12.23
C THR D 230 -16.80 15.18 -11.98
N ASP D 231 -15.81 14.99 -12.85
CA ASP D 231 -14.90 13.86 -12.76
C ASP D 231 -13.65 14.14 -13.61
N PHE D 232 -12.51 13.61 -13.18
CA PHE D 232 -11.25 13.81 -13.91
C PHE D 232 -10.76 12.55 -14.63
N LEU D 233 -10.71 12.63 -15.95
CA LEU D 233 -10.25 11.50 -16.78
C LEU D 233 -8.75 11.29 -16.52
N LEU D 234 -7.94 12.14 -17.14
CA LEU D 234 -6.50 12.10 -16.98
C LEU D 234 -6.12 13.24 -16.06
N ASP D 235 -4.89 13.23 -15.55
CA ASP D 235 -4.44 14.26 -14.64
C ASP D 235 -3.30 15.12 -15.17
N MET D 236 -2.59 14.65 -16.19
CA MET D 236 -1.51 15.46 -16.75
C MET D 236 -2.22 16.48 -17.63
N PRO D 237 -2.74 16.07 -18.81
CA PRO D 237 -3.42 17.11 -19.59
C PRO D 237 -4.84 17.06 -19.02
N TYR D 238 -5.15 17.92 -18.06
CA TYR D 238 -6.45 17.93 -17.42
C TYR D 238 -7.68 17.66 -18.27
N HIS D 239 -8.32 16.52 -18.00
CA HIS D 239 -9.53 16.08 -18.68
C HIS D 239 -10.66 16.08 -17.65
N ILE D 240 -11.24 17.24 -17.40
CA ILE D 240 -12.33 17.37 -16.43
C ILE D 240 -13.68 17.21 -17.11
N ARG D 241 -14.49 16.31 -16.59
CA ARG D 241 -15.81 16.05 -17.15
C ARG D 241 -16.95 16.32 -16.16
N SER D 242 -17.96 17.04 -16.61
CA SER D 242 -19.12 17.32 -15.77
C SER D 242 -20.33 16.67 -16.43
N ILE D 243 -21.01 15.79 -15.71
CA ILE D 243 -22.18 15.12 -16.27
C ILE D 243 -23.46 15.58 -15.56
N LEU D 244 -24.52 15.70 -16.34
CA LEU D 244 -25.81 16.14 -15.82
C LEU D 244 -26.78 14.97 -16.04
N HIS D 245 -27.20 14.33 -14.95
CA HIS D 245 -28.11 13.18 -15.00
C HIS D 245 -29.52 13.47 -14.49
N ILE D 246 -30.52 13.18 -15.33
CA ILE D 246 -31.92 13.40 -14.97
C ILE D 246 -32.74 12.09 -15.02
N PRO D 247 -32.79 11.34 -13.90
CA PRO D 247 -33.56 10.10 -13.90
C PRO D 247 -35.07 10.40 -14.02
N SER D 248 -35.86 9.40 -14.37
CA SER D 248 -37.30 9.59 -14.53
C SER D 248 -37.58 10.81 -15.41
N ALA D 249 -37.09 10.77 -16.64
CA ALA D 249 -37.28 11.87 -17.58
C ALA D 249 -38.74 12.25 -17.85
N GLU D 250 -39.15 13.37 -17.28
CA GLU D 250 -40.50 13.89 -17.47
C GLU D 250 -40.44 14.56 -18.83
N LEU D 251 -41.55 15.10 -19.32
CA LEU D 251 -41.47 15.79 -20.60
C LEU D 251 -40.95 17.19 -20.29
N GLU D 252 -41.16 18.15 -21.20
CA GLU D 252 -40.66 19.51 -21.01
C GLU D 252 -39.14 19.48 -20.89
N ASP D 253 -38.59 18.37 -20.42
CA ASP D 253 -37.15 18.20 -20.30
C ASP D 253 -36.60 18.33 -21.70
N SER D 254 -37.49 18.08 -22.67
CA SER D 254 -37.11 18.20 -24.06
C SER D 254 -36.74 19.66 -24.26
N GLY D 255 -35.60 19.91 -24.89
CA GLY D 255 -35.20 21.28 -25.10
C GLY D 255 -33.70 21.51 -25.23
N THR D 256 -33.29 22.73 -24.91
CA THR D 256 -31.89 23.12 -25.00
C THR D 256 -31.11 22.91 -23.71
N TYR D 257 -30.05 22.13 -23.81
CA TYR D 257 -29.19 21.86 -22.67
C TYR D 257 -27.81 22.40 -23.01
N THR D 258 -27.45 23.52 -22.40
CA THR D 258 -26.15 24.13 -22.67
C THR D 258 -25.21 24.19 -21.47
N CYS D 259 -23.98 23.79 -21.71
CA CYS D 259 -22.94 23.77 -20.69
C CYS D 259 -21.96 24.91 -20.94
N ASN D 260 -22.04 25.95 -20.12
CA ASN D 260 -21.14 27.10 -20.27
C ASN D 260 -19.96 26.98 -19.30
N VAL D 261 -18.79 26.77 -19.86
CA VAL D 261 -17.55 26.59 -19.10
C VAL D 261 -16.62 27.81 -19.13
N THR D 262 -16.22 28.27 -17.95
CA THR D 262 -15.33 29.43 -17.82
C THR D 262 -14.27 29.18 -16.74
N GLU D 263 -13.05 29.69 -16.98
CA GLU D 263 -11.95 29.54 -16.03
C GLU D 263 -11.62 30.91 -15.44
N SER D 264 -11.83 31.06 -14.13
CA SER D 264 -11.61 32.32 -13.42
C SER D 264 -10.14 32.78 -13.34
N VAL D 265 -9.22 31.89 -13.68
CA VAL D 265 -7.80 32.23 -13.67
C VAL D 265 -7.66 33.48 -14.55
N ASN D 266 -8.11 33.34 -15.79
CA ASN D 266 -8.12 34.42 -16.77
C ASN D 266 -9.58 34.83 -16.86
N ASP D 267 -10.31 34.10 -17.71
CA ASP D 267 -11.75 34.31 -17.92
C ASP D 267 -12.24 33.78 -19.26
N HIS D 268 -11.49 32.85 -19.84
CA HIS D 268 -11.91 32.29 -21.12
C HIS D 268 -13.24 31.58 -20.93
N GLN D 269 -14.15 31.79 -21.88
CA GLN D 269 -15.46 31.20 -21.81
C GLN D 269 -15.68 30.34 -23.05
N ASP D 270 -16.70 29.48 -23.00
CA ASP D 270 -17.03 28.61 -24.12
C ASP D 270 -18.33 27.92 -23.75
N GLU D 271 -19.15 27.62 -24.75
CA GLU D 271 -20.42 26.95 -24.48
C GLU D 271 -20.89 26.12 -25.66
N LYS D 272 -21.27 24.89 -25.36
CA LYS D 272 -21.78 23.97 -26.36
C LYS D 272 -23.17 23.55 -25.92
N ALA D 273 -24.07 23.42 -26.88
CA ALA D 273 -25.43 23.03 -26.56
C ALA D 273 -25.87 21.91 -27.47
N ILE D 274 -26.85 21.16 -26.98
CA ILE D 274 -27.42 20.08 -27.75
C ILE D 274 -28.89 20.15 -27.37
N ASN D 275 -29.72 19.52 -28.17
CA ASN D 275 -31.14 19.51 -27.88
C ASN D 275 -31.51 18.06 -27.58
N ILE D 276 -32.26 17.86 -26.50
CA ILE D 276 -32.70 16.52 -26.12
C ILE D 276 -34.20 16.44 -26.06
N THR D 277 -34.77 15.51 -26.83
CA THR D 277 -36.20 15.36 -26.85
C THR D 277 -36.62 14.15 -26.04
N VAL D 278 -37.83 14.24 -25.47
CA VAL D 278 -38.39 13.16 -24.68
C VAL D 278 -39.72 12.77 -25.34
N VAL D 279 -39.87 11.47 -25.62
CA VAL D 279 -41.09 10.99 -26.27
C VAL D 279 -41.99 10.25 -25.29
N GLU D 280 -43.29 10.30 -25.55
CA GLU D 280 -44.24 9.60 -24.69
C GLU D 280 -44.15 8.11 -25.00
C1 NDG E . 20.38 -37.86 36.53
C2 NDG E . 21.14 -39.01 37.22
C3 NDG E . 21.62 -38.59 38.61
C4 NDG E . 20.45 -38.13 39.49
C5 NDG E . 19.49 -37.22 38.69
C6 NDG E . 19.12 -35.98 39.47
C7 NDG E . 20.62 -41.31 36.72
C8 NDG E . 19.78 -42.54 37.02
O5 NDG E . 20.11 -36.79 37.45
O3 NDG E . 22.57 -37.54 38.51
O4 NDG E . 19.74 -39.25 39.98
O6 NDG E . 19.24 -36.19 40.87
O7 NDG E . 21.57 -41.38 35.94
N2 NDG E . 20.27 -40.17 37.32
C1 NAG F . 28.17 -37.46 23.86
C2 NAG F . 29.60 -36.95 24.08
C3 NAG F . 29.76 -35.61 23.38
C4 NAG F . 29.40 -35.76 21.89
C5 NAG F . 28.00 -36.39 21.73
C6 NAG F . 27.72 -36.72 20.28
C7 NAG F . 31.11 -36.84 25.97
C8 NAG F . 31.55 -38.14 26.63
N2 NAG F . 29.86 -36.79 25.50
O3 NAG F . 31.09 -35.13 23.50
O4 NAG F . 29.44 -34.50 21.26
O5 NAG F . 27.92 -37.62 22.46
O6 NAG F . 28.64 -37.69 19.79
O7 NAG F . 31.89 -35.89 25.87
C1 NAG G . 6.79 -57.92 10.23
C2 NAG G . 5.86 -59.14 10.40
C3 NAG G . 4.64 -59.01 9.49
C4 NAG G . 5.01 -58.27 8.21
C5 NAG G . 5.45 -56.82 8.54
C6 NAG G . 4.30 -55.83 8.50
C7 NAG G . 6.38 -61.43 10.96
C8 NAG G . 7.64 -62.06 11.56
N2 NAG G . 6.56 -60.38 10.14
O3 NAG G . 3.61 -58.33 10.17
O4 NAG G . 6.07 -58.94 7.54
O5 NAG G . 6.03 -56.76 9.88
O6 NAG G . 4.76 -54.50 8.64
O7 NAG G . 5.28 -61.88 11.24
C1 NAG H . -20.70 -30.93 -13.98
C2 NAG H . -21.23 -31.80 -12.84
C3 NAG H . -22.63 -32.37 -13.15
C4 NAG H . -22.98 -32.35 -14.66
C5 NAG H . -22.71 -30.98 -15.32
C6 NAG H . -23.98 -30.16 -15.49
C7 NAG H . -20.50 -34.12 -12.92
C8 NAG H . -19.84 -34.56 -14.23
N2 NAG H . -20.28 -32.87 -12.52
O3 NAG H . -23.61 -31.63 -12.44
O4 NAG H . -22.26 -33.36 -15.35
O5 NAG H . -21.79 -30.17 -14.53
O6 NAG H . -23.75 -29.01 -16.29
O7 NAG H . -21.17 -34.93 -12.27
C1 NAG I . -2.92 -15.50 -33.01
C2 NAG I . -4.00 -14.42 -32.99
C3 NAG I . -3.37 -13.02 -33.03
C4 NAG I . -2.38 -12.90 -34.18
C5 NAG I . -1.37 -14.05 -34.14
C6 NAG I . -0.42 -14.00 -32.94
C7 NAG I . -6.04 -13.95 -34.16
C8 NAG I . -6.11 -12.72 -35.05
N2 NAG I . -4.89 -14.60 -34.12
O3 NAG I . -2.71 -12.75 -31.81
O4 NAG I . -3.08 -12.92 -35.41
O5 NAG I . -2.04 -15.32 -34.14
O6 NAG I . -0.26 -15.30 -32.37
O7 NAG I . -7.03 -14.30 -33.52
C1 NAG J . -6.02 -38.74 -19.00
C2 NAG J . -5.76 -39.83 -17.96
C3 NAG J . -6.44 -41.15 -18.33
C4 NAG J . -6.17 -41.56 -19.78
C5 NAG J . -6.39 -40.40 -20.77
C6 NAG J . -7.84 -40.03 -21.03
C7 NAG J . -3.83 -39.97 -16.55
C8 NAG J . -2.33 -39.70 -16.43
N2 NAG J . -4.35 -40.05 -17.78
O3 NAG J . -7.84 -41.04 -18.11
O4 NAG J . -4.84 -42.04 -19.92
O5 NAG J . -5.68 -39.20 -20.33
O6 NAG J . -8.72 -40.82 -20.24
O7 NAG J . -4.51 -40.11 -15.54
C1 NAG K . -14.98 -35.52 -32.42
C2 NAG K . -15.14 -36.85 -31.65
C3 NAG K . -15.18 -38.03 -32.64
C4 NAG K . -16.25 -37.79 -33.72
C5 NAG K . -16.03 -36.43 -34.39
C6 NAG K . -17.12 -36.09 -35.40
C7 NAG K . -14.10 -37.90 -29.71
C8 NAG K . -13.05 -39.00 -29.72
N2 NAG K . -14.04 -37.01 -30.71
O3 NAG K . -15.45 -39.24 -31.96
O4 NAG K . -16.20 -38.82 -34.70
O5 NAG K . -16.04 -35.37 -33.39
O6 NAG K . -16.63 -35.22 -36.42
O7 NAG K . -14.93 -37.85 -28.82
C1 NAG L . 25.56 47.57 19.37
C2 NAG L . 26.49 46.92 20.39
C3 NAG L . 26.66 47.81 21.64
C4 NAG L . 25.31 48.27 22.19
C5 NAG L . 24.40 48.81 21.06
C6 NAG L . 23.90 50.22 21.35
C7 NAG L . 26.60 44.51 20.36
C8 NAG L . 26.06 43.85 19.10
N2 NAG L . 25.99 45.61 20.78
O3 NAG L . 27.46 48.94 21.32
O4 NAG L . 24.67 47.18 22.85
O5 NAG L . 25.12 48.87 19.81
O6 NAG L . 22.50 50.33 21.09
O7 NAG L . 27.57 44.01 20.95
C1 NAG M . 11.08 43.17 26.32
C2 NAG M . 9.92 44.18 26.26
C3 NAG M . 8.65 43.50 26.76
C4 NAG M . 8.37 42.26 25.90
C5 NAG M . 9.61 41.33 25.87
C6 NAG M . 9.43 40.17 24.89
C7 NAG M . 10.64 45.30 28.29
C8 NAG M . 12.11 45.56 28.54
N2 NAG M . 10.20 45.38 27.03
O3 NAG M . 7.54 44.40 26.65
O4 NAG M . 7.26 41.55 26.44
O5 NAG M . 10.79 42.06 25.46
O6 NAG M . 8.80 40.61 23.69
O7 NAG M . 9.89 45.03 29.24
C1 NAG N . -4.88 58.66 2.53
C2 NAG N . -4.37 59.80 1.64
C3 NAG N . -4.63 59.47 0.16
C4 NAG N . -4.07 58.08 -0.19
C5 NAG N . -4.63 57.04 0.79
C6 NAG N . -4.06 55.65 0.55
C7 NAG N . -4.50 62.21 1.62
C8 NAG N . -3.54 62.90 2.59
N2 NAG N . -5.02 61.04 1.99
O3 NAG N . -4.02 60.44 -0.67
O4 NAG N . -4.45 57.73 -1.51
O5 NAG N . -4.29 57.41 2.15
O6 NAG N . -4.10 55.33 -0.83
O7 NAG N . -4.76 62.74 0.53
C1 NAG O . -12.56 25.50 -29.18
C2 NAG O . -12.69 26.91 -29.80
C3 NAG O . -13.58 26.87 -31.06
C4 NAG O . -13.10 25.77 -32.02
C5 NAG O . -13.04 24.43 -31.28
C6 NAG O . -12.58 23.28 -32.14
C7 NAG O . -12.86 29.07 -28.75
C8 NAG O . -13.69 30.12 -29.48
N2 NAG O . -13.27 27.81 -28.82
O3 NAG O . -13.56 28.13 -31.71
O4 NAG O . -13.99 25.67 -33.12
O5 NAG O . -12.12 24.55 -30.17
O6 NAG O . -12.73 22.03 -31.47
O7 NAG O . -11.86 29.41 -28.11
C1 NAG P . -31.11 4.96 -15.19
C2 NAG P . -30.97 4.63 -13.69
C3 NAG P . -31.10 3.13 -13.43
C4 NAG P . -30.19 2.31 -14.37
C5 NAG P . -30.36 2.75 -15.83
C6 NAG P . -31.71 2.37 -16.44
C7 NAG P . -29.43 5.00 -11.88
C8 NAG P . -28.54 3.84 -11.44
N2 NAG P . -29.70 5.11 -13.18
O3 NAG P . -32.45 2.73 -13.62
O4 NAG P . -28.83 2.49 -13.97
O5 NAG P . -30.18 4.17 -15.98
O6 NAG P . -31.87 0.97 -16.53
O7 NAG P . -29.88 5.77 -11.04
C1 NAG Q . -21.70 31.17 -18.77
C2 NAG Q . -21.45 32.67 -18.54
C3 NAG Q . -22.49 33.24 -17.59
C4 NAG Q . -23.89 33.04 -18.17
C5 NAG Q . -24.10 31.60 -18.64
C6 NAG Q . -24.30 31.43 -20.15
C7 NAG Q . -19.30 33.80 -18.53
C8 NAG Q . -19.49 35.24 -18.07
N2 NAG Q . -20.11 32.88 -18.00
O3 NAG Q . -22.24 34.62 -17.36
O4 NAG Q . -24.87 33.38 -17.21
O5 NAG Q . -22.98 30.75 -18.25
O6 NAG Q . -24.86 32.60 -20.73
O7 NAG Q . -18.44 33.52 -19.35
C1 NAG R . -33.03 23.65 -28.65
C2 NAG R . -32.37 24.93 -29.22
C3 NAG R . -33.12 26.19 -28.77
C4 NAG R . -34.65 26.06 -28.96
C5 NAG R . -35.15 24.73 -28.38
C6 NAG R . -36.62 24.50 -28.66
C7 NAG R . -30.09 25.75 -29.35
C8 NAG R . -29.92 27.19 -28.86
N2 NAG R . -30.99 25.00 -28.75
O3 NAG R . -32.66 27.31 -29.52
O4 NAG R . -35.31 27.13 -28.30
O5 NAG R . -34.43 23.63 -28.97
O6 NAG R . -37.31 24.09 -27.48
O7 NAG R . -29.38 25.35 -30.27
#